data_5KJW
#
_entry.id   5KJW
#
_cell.length_a   37.080
_cell.length_b   56.390
_cell.length_c   107.950
_cell.angle_alpha   96.96
_cell.angle_beta   90.00
_cell.angle_gamma   107.67
#
_symmetry.space_group_name_H-M   'P 1'
#
loop_
_entity.id
_entity.type
_entity.pdbx_description
1 polymer 'Hydroxycinnamoyl transferase'
2 non-polymer 1-(3-hydroxyphenyl)ethanone
3 water water
#
_entity_poly.entity_id   1
_entity_poly.type   'polypeptide(L)'
_entity_poly.pdbx_seq_one_letter_code
;MKIHVRDSTLVRPSAATPAVSLWNSNVDLVVPNFHTPSVYFYRPSGADNFFDTAVMKAALGRALVSFYPMAGRLKRDEDG
RVEIDCNAEGVLFVEAESDGTVDDYGDFAPSLELRRLIPAVDYSQGISAYPLLVLQVTFFKCGGVSLGVGMQHHAADGFS
GLHFINTWSDMARGLDITLPPFIDRTLLSARDPPQPQFKHVEYQPPPAMKTYEPAETVVSIFKLTKDQLTTLKAKSKEDG
NTTTYSSYEMLSGHVWRCTCLARGLPEEQETKLYIATDGRSRLQPQLPPGYFGNVIFTATPLAVAGDLGSKPVWYAASKI
HDALARMDNDYLRSALDFLELQPDLKALVRGAHTFRCPNLGITSWVRLPIHDADFGWGRPIFMGPGGIAYEGLSFVLPSP
TNDGSLSVAISLQAEHMKLFEKLLYQI
;
_entity_poly.pdbx_strand_id   A,B
#
# COMPACT_ATOMS: atom_id res chain seq x y z
N MET A 1 36.73 28.18 -14.08
CA MET A 1 37.38 27.32 -15.06
C MET A 1 36.77 27.53 -16.45
N LYS A 2 37.62 27.76 -17.44
CA LYS A 2 37.17 27.88 -18.82
C LYS A 2 37.60 26.63 -19.59
N ILE A 3 36.73 26.18 -20.48
CA ILE A 3 36.96 24.98 -21.25
C ILE A 3 36.82 25.30 -22.70
N HIS A 4 37.82 24.95 -23.49
CA HIS A 4 37.63 25.16 -24.90
C HIS A 4 38.16 24.07 -25.79
N VAL A 5 37.29 23.82 -26.76
CA VAL A 5 37.25 22.70 -27.68
C VAL A 5 38.29 22.83 -28.79
N ARG A 6 39.17 21.84 -28.88
CA ARG A 6 40.17 21.83 -29.94
C ARG A 6 39.54 21.29 -31.21
N ASP A 7 38.74 20.24 -31.07
CA ASP A 7 38.12 19.59 -32.23
C ASP A 7 36.92 18.74 -31.84
N SER A 8 35.99 18.60 -32.76
CA SER A 8 34.83 17.73 -32.57
C SER A 8 34.51 17.02 -33.88
N THR A 9 34.25 15.73 -33.81
CA THR A 9 34.04 14.95 -35.03
C THR A 9 33.04 13.82 -34.82
N LEU A 10 32.41 13.38 -35.92
CA LEU A 10 31.50 12.25 -35.88
C LEU A 10 32.26 10.96 -36.20
N VAL A 11 32.32 10.06 -35.22
CA VAL A 11 32.99 8.79 -35.42
C VAL A 11 31.98 7.70 -35.79
N ARG A 12 32.18 7.12 -36.97
CA ARG A 12 31.27 6.10 -37.50
C ARG A 12 31.88 4.71 -37.31
N PRO A 13 31.05 3.66 -37.39
CA PRO A 13 31.57 2.29 -37.32
C PRO A 13 32.69 2.03 -38.33
N SER A 14 33.76 1.38 -37.88
CA SER A 14 34.93 1.11 -38.72
C SER A 14 34.61 0.19 -39.90
N ALA A 15 33.52 -0.56 -39.80
CA ALA A 15 33.12 -1.47 -40.87
C ALA A 15 31.61 -1.41 -41.10
N ALA A 16 31.14 -2.20 -42.06
CA ALA A 16 29.73 -2.19 -42.44
C ALA A 16 28.85 -2.74 -41.32
N THR A 17 27.68 -2.12 -41.16
CA THR A 17 26.72 -2.51 -40.13
C THR A 17 25.33 -2.63 -40.74
N PRO A 18 24.42 -3.38 -40.08
CA PRO A 18 23.05 -3.51 -40.60
C PRO A 18 22.33 -2.17 -40.79
N ALA A 19 21.64 -2.03 -41.91
CA ALA A 19 20.84 -0.84 -42.18
C ALA A 19 19.38 -1.13 -41.86
N VAL A 20 19.04 -1.09 -40.58
CA VAL A 20 17.69 -1.44 -40.14
C VAL A 20 17.08 -0.37 -39.23
N SER A 21 15.78 -0.49 -39.00
CA SER A 21 15.09 0.35 -38.02
C SER A 21 14.85 -0.48 -36.76
N LEU A 22 15.52 -0.10 -35.68
CA LEU A 22 15.48 -0.87 -34.45
C LEU A 22 14.25 -0.52 -33.60
N TRP A 23 13.36 -1.47 -33.44
CA TRP A 23 12.13 -1.26 -32.68
C TRP A 23 12.43 -1.02 -31.21
N ASN A 24 11.65 -0.16 -30.58
CA ASN A 24 11.79 0.12 -29.15
C ASN A 24 10.65 -0.46 -28.34
N SER A 25 10.98 -1.12 -27.24
CA SER A 25 9.96 -1.62 -26.32
C SER A 25 9.45 -0.48 -25.46
N ASN A 26 8.42 -0.75 -24.67
CA ASN A 26 7.83 0.28 -23.80
C ASN A 26 8.82 0.76 -22.76
N VAL A 27 9.75 -0.10 -22.36
CA VAL A 27 10.80 0.28 -21.42
C VAL A 27 11.75 1.27 -22.07
N ASP A 28 11.95 1.12 -23.37
CA ASP A 28 12.85 1.98 -24.12
C ASP A 28 12.19 3.31 -24.46
N LEU A 29 10.91 3.45 -24.11
CA LEU A 29 10.18 4.68 -24.42
C LEU A 29 9.93 5.52 -23.17
N VAL A 30 9.77 4.86 -22.02
CA VAL A 30 9.63 5.59 -20.76
C VAL A 30 11.02 6.05 -20.31
N VAL A 31 11.59 6.99 -21.08
CA VAL A 31 12.92 7.52 -20.80
C VAL A 31 12.93 9.04 -21.01
N PRO A 32 13.89 9.74 -20.38
CA PRO A 32 14.05 11.18 -20.62
C PRO A 32 14.36 11.50 -22.08
N ASN A 33 14.08 12.73 -22.49
CA ASN A 33 14.35 13.16 -23.86
C ASN A 33 15.78 13.65 -24.02
N PHE A 34 16.44 13.94 -22.91
CA PHE A 34 17.82 14.43 -22.94
C PHE A 34 18.82 13.29 -22.84
N HIS A 35 20.10 13.65 -22.94
CA HIS A 35 21.19 12.68 -22.79
C HIS A 35 21.57 12.52 -21.33
N THR A 36 21.65 11.27 -20.87
CA THR A 36 22.01 11.01 -19.48
C THR A 36 23.51 11.22 -19.27
N PRO A 37 23.87 12.10 -18.33
CA PRO A 37 25.26 12.50 -18.08
C PRO A 37 26.02 11.56 -17.15
N SER A 38 27.28 11.26 -17.51
CA SER A 38 28.18 10.52 -16.65
C SER A 38 29.63 10.93 -16.95
N VAL A 39 30.49 10.88 -15.93
CA VAL A 39 31.86 11.39 -16.06
C VAL A 39 32.89 10.42 -15.48
N TYR A 40 33.98 10.21 -16.22
CA TYR A 40 35.12 9.44 -15.73
C TYR A 40 36.32 10.36 -15.51
N PHE A 41 37.06 10.14 -14.42
CA PHE A 41 38.28 10.92 -14.19
C PHE A 41 39.53 10.03 -14.18
N TYR A 42 40.62 10.53 -14.76
CA TYR A 42 41.87 9.78 -14.83
C TYR A 42 43.07 10.63 -14.41
N ARG A 43 43.97 10.03 -13.64
CA ARG A 43 45.22 10.69 -13.27
C ARG A 43 46.32 10.30 -14.25
N PRO A 44 47.28 11.22 -14.49
CA PRO A 44 48.40 10.93 -15.40
C PRO A 44 49.21 9.72 -14.95
N SER A 45 49.52 8.84 -15.90
CA SER A 45 50.29 7.64 -15.57
C SER A 45 51.76 7.82 -15.92
N GLY A 46 52.10 8.96 -16.51
CA GLY A 46 53.46 9.26 -16.89
C GLY A 46 53.76 8.92 -18.34
N ALA A 47 52.77 8.34 -19.03
CA ALA A 47 52.93 7.97 -20.42
C ALA A 47 52.98 9.21 -21.32
N ASP A 48 53.72 9.12 -22.41
CA ASP A 48 53.87 10.25 -23.33
C ASP A 48 52.64 10.40 -24.24
N ASN A 49 51.89 9.31 -24.39
CA ASN A 49 50.71 9.31 -25.25
C ASN A 49 49.42 9.21 -24.45
N PHE A 50 49.39 9.85 -23.28
CA PHE A 50 48.27 9.76 -22.36
C PHE A 50 46.95 10.15 -23.02
N PHE A 51 46.05 9.17 -23.11
CA PHE A 51 44.75 9.32 -23.77
C PHE A 51 44.88 9.90 -25.17
N ASP A 52 45.68 9.22 -25.99
CA ASP A 52 45.84 9.55 -27.39
C ASP A 52 44.49 9.48 -28.11
N THR A 53 44.02 10.63 -28.60
CA THR A 53 42.69 10.72 -29.21
C THR A 53 42.55 9.83 -30.44
N ALA A 54 43.64 9.61 -31.16
CA ALA A 54 43.61 8.73 -32.33
C ALA A 54 43.37 7.29 -31.90
N VAL A 55 43.97 6.90 -30.78
CA VAL A 55 43.78 5.58 -30.22
C VAL A 55 42.35 5.41 -29.71
N MET A 56 41.86 6.45 -29.04
CA MET A 56 40.50 6.45 -28.50
C MET A 56 39.46 6.33 -29.61
N LYS A 57 39.61 7.14 -30.66
CA LYS A 57 38.64 7.16 -31.74
C LYS A 57 38.70 5.91 -32.60
N ALA A 58 39.91 5.36 -32.78
CA ALA A 58 40.08 4.12 -33.53
C ALA A 58 39.29 3.00 -32.87
N ALA A 59 39.50 2.85 -31.56
CA ALA A 59 38.80 1.84 -30.77
C ALA A 59 37.30 2.13 -30.73
N LEU A 60 36.95 3.41 -30.71
CA LEU A 60 35.54 3.82 -30.70
C LEU A 60 34.83 3.33 -31.96
N GLY A 61 35.47 3.51 -33.11
CA GLY A 61 34.92 3.06 -34.37
C GLY A 61 34.75 1.56 -34.43
N ARG A 62 35.70 0.83 -33.85
N ARG A 62 35.69 0.83 -33.85
CA ARG A 62 35.64 -0.63 -33.83
CA ARG A 62 35.66 -0.62 -33.83
C ARG A 62 34.50 -1.13 -32.96
C ARG A 62 34.53 -1.14 -32.95
N ALA A 63 34.30 -0.48 -31.83
CA ALA A 63 33.25 -0.88 -30.89
C ALA A 63 31.87 -0.60 -31.48
N LEU A 64 31.78 0.45 -32.29
CA LEU A 64 30.50 0.87 -32.88
C LEU A 64 30.06 -0.07 -34.01
N VAL A 65 30.90 -1.05 -34.33
CA VAL A 65 30.54 -2.05 -35.33
C VAL A 65 29.52 -3.03 -34.75
N SER A 66 29.80 -3.53 -33.55
CA SER A 66 28.86 -4.42 -32.88
C SER A 66 27.78 -3.62 -32.18
N PHE A 67 28.14 -2.45 -31.66
CA PHE A 67 27.18 -1.56 -31.01
C PHE A 67 26.65 -0.53 -31.99
N TYR A 68 26.28 -0.98 -33.19
CA TYR A 68 25.86 -0.06 -34.25
C TYR A 68 24.61 0.80 -33.97
N PRO A 69 23.67 0.32 -33.12
CA PRO A 69 22.57 1.26 -32.85
C PRO A 69 23.02 2.54 -32.16
N MET A 70 24.16 2.49 -31.48
CA MET A 70 24.70 3.66 -30.80
C MET A 70 25.06 4.78 -31.78
N ALA A 71 25.44 4.39 -32.99
CA ALA A 71 25.84 5.34 -34.01
C ALA A 71 24.67 5.77 -34.90
N GLY A 72 23.46 5.39 -34.50
CA GLY A 72 22.28 5.69 -35.29
C GLY A 72 21.62 7.00 -34.94
N ARG A 73 20.38 7.16 -35.39
CA ARG A 73 19.60 8.37 -35.14
C ARG A 73 18.16 8.03 -34.76
N LEU A 74 17.53 8.89 -33.97
CA LEU A 74 16.14 8.69 -33.59
C LEU A 74 15.20 9.03 -34.74
N LYS A 75 14.19 8.19 -34.95
CA LYS A 75 13.12 8.46 -35.90
C LYS A 75 11.80 7.96 -35.32
N ARG A 76 10.70 8.34 -35.95
CA ARG A 76 9.38 7.86 -35.54
C ARG A 76 8.71 7.12 -36.69
N ASP A 77 8.02 6.03 -36.37
CA ASP A 77 7.30 5.28 -37.42
C ASP A 77 6.00 5.99 -37.78
N GLU A 78 5.13 5.31 -38.52
CA GLU A 78 3.89 5.90 -38.98
C GLU A 78 2.94 6.18 -37.81
N ASP A 79 3.10 5.47 -36.72
CA ASP A 79 2.26 5.67 -35.54
C ASP A 79 2.85 6.71 -34.60
N GLY A 80 4.04 7.20 -34.93
CA GLY A 80 4.71 8.20 -34.12
C GLY A 80 5.53 7.60 -32.99
N ARG A 81 5.82 6.31 -33.09
CA ARG A 81 6.59 5.63 -32.07
C ARG A 81 8.09 5.81 -32.33
N VAL A 82 8.81 6.26 -31.31
CA VAL A 82 10.25 6.47 -31.44
C VAL A 82 10.97 5.15 -31.67
N GLU A 83 11.74 5.10 -32.76
CA GLU A 83 12.57 3.94 -33.06
C GLU A 83 13.96 4.41 -33.41
N ILE A 84 14.90 3.46 -33.51
CA ILE A 84 16.27 3.83 -33.82
C ILE A 84 16.63 3.51 -35.26
N ASP A 85 16.82 4.56 -36.05
CA ASP A 85 17.32 4.41 -37.41
C ASP A 85 18.81 4.15 -37.36
N CYS A 86 19.19 2.89 -37.51
CA CYS A 86 20.59 2.51 -37.53
C CYS A 86 21.20 2.87 -38.88
N ASN A 87 21.60 4.13 -39.03
CA ASN A 87 22.12 4.63 -40.29
C ASN A 87 23.62 4.91 -40.26
N ALA A 88 24.25 4.60 -39.13
CA ALA A 88 25.70 4.74 -38.95
C ALA A 88 26.19 6.17 -39.21
N GLU A 89 25.38 7.16 -38.88
CA GLU A 89 25.78 8.55 -39.03
C GLU A 89 26.96 8.89 -38.12
N GLY A 90 27.01 8.24 -36.96
CA GLY A 90 28.15 8.36 -36.06
C GLY A 90 27.86 9.04 -34.74
N VAL A 91 28.74 8.80 -33.77
CA VAL A 91 28.65 9.44 -32.46
C VAL A 91 29.57 10.65 -32.41
N LEU A 92 29.28 11.59 -31.51
CA LEU A 92 30.07 12.80 -31.41
C LEU A 92 31.25 12.63 -30.46
N PHE A 93 32.44 12.92 -30.96
CA PHE A 93 33.66 12.88 -30.15
C PHE A 93 34.28 14.27 -30.06
N VAL A 94 34.32 14.82 -28.86
CA VAL A 94 34.87 16.15 -28.65
C VAL A 94 36.18 16.10 -27.86
N GLU A 95 37.22 16.73 -28.41
CA GLU A 95 38.44 16.95 -27.65
C GLU A 95 38.44 18.37 -27.10
N ALA A 96 38.71 18.50 -25.82
CA ALA A 96 38.65 19.81 -25.17
C ALA A 96 39.82 19.99 -24.20
N GLU A 97 40.13 21.24 -23.89
CA GLU A 97 41.18 21.54 -22.92
C GLU A 97 40.62 22.39 -21.81
N SER A 98 41.15 22.23 -20.60
CA SER A 98 40.70 22.98 -19.45
C SER A 98 41.85 23.79 -18.85
N ASP A 99 41.55 24.98 -18.36
CA ASP A 99 42.55 25.82 -17.70
C ASP A 99 42.59 25.51 -16.21
N GLY A 100 41.87 24.48 -15.80
CA GLY A 100 41.84 24.06 -14.41
C GLY A 100 42.44 22.68 -14.22
N THR A 101 42.34 22.15 -13.01
CA THR A 101 42.92 20.85 -12.70
C THR A 101 41.87 19.86 -12.23
N VAL A 102 42.24 18.58 -12.18
CA VAL A 102 41.35 17.54 -11.68
C VAL A 102 41.06 17.78 -10.21
N ASP A 103 42.05 18.32 -9.49
CA ASP A 103 41.90 18.60 -8.06
C ASP A 103 40.82 19.64 -7.78
N ASP A 104 40.50 20.46 -8.78
CA ASP A 104 39.47 21.49 -8.63
C ASP A 104 38.09 20.90 -8.32
N TYR A 105 37.89 19.63 -8.63
CA TYR A 105 36.60 18.99 -8.40
C TYR A 105 36.55 18.31 -7.02
N GLY A 106 37.67 18.33 -6.32
CA GLY A 106 37.72 17.84 -4.95
C GLY A 106 37.30 16.39 -4.78
N ASP A 107 36.20 16.19 -4.07
CA ASP A 107 35.68 14.84 -3.79
C ASP A 107 34.78 14.34 -4.91
N PHE A 108 34.73 15.09 -6.01
CA PHE A 108 33.94 14.73 -7.18
C PHE A 108 32.45 14.59 -6.88
N ALA A 109 31.94 15.44 -5.99
CA ALA A 109 30.50 15.50 -5.75
C ALA A 109 29.81 15.92 -7.05
N PRO A 110 28.82 15.12 -7.49
CA PRO A 110 28.17 15.33 -8.79
C PRO A 110 27.30 16.58 -8.86
N SER A 111 27.93 17.75 -8.83
CA SER A 111 27.22 19.01 -9.04
C SER A 111 27.13 19.27 -10.53
N LEU A 112 26.39 20.31 -10.90
CA LEU A 112 26.16 20.63 -12.32
C LEU A 112 27.40 21.17 -13.02
N GLU A 113 28.49 21.35 -12.27
CA GLU A 113 29.76 21.78 -12.86
C GLU A 113 30.36 20.67 -13.73
N LEU A 114 29.88 19.44 -13.53
CA LEU A 114 30.37 18.30 -14.29
C LEU A 114 29.81 18.29 -15.71
N ARG A 115 28.69 18.99 -15.91
CA ARG A 115 28.03 19.08 -17.21
C ARG A 115 28.93 19.70 -18.28
N ARG A 116 29.89 20.52 -17.84
CA ARG A 116 30.80 21.20 -18.77
C ARG A 116 31.78 20.21 -19.38
N LEU A 117 31.92 19.05 -18.74
CA LEU A 117 32.82 18.01 -19.21
C LEU A 117 32.10 17.08 -20.18
N ILE A 118 30.87 17.42 -20.51
CA ILE A 118 30.03 16.64 -21.41
C ILE A 118 29.47 17.55 -22.50
N PRO A 119 29.53 17.09 -23.77
CA PRO A 119 29.04 17.89 -24.90
C PRO A 119 27.55 18.24 -24.77
N ALA A 120 27.21 19.51 -24.97
CA ALA A 120 25.82 19.95 -24.90
C ALA A 120 25.11 19.60 -26.20
N VAL A 121 23.80 19.41 -26.11
CA VAL A 121 23.00 19.00 -27.27
C VAL A 121 21.85 19.97 -27.51
N ASP A 122 21.70 20.40 -28.77
CA ASP A 122 20.58 21.25 -29.16
C ASP A 122 19.33 20.39 -29.40
N TYR A 123 18.39 20.44 -28.45
CA TYR A 123 17.18 19.62 -28.54
C TYR A 123 16.04 20.34 -29.25
N SER A 124 16.35 21.45 -29.90
CA SER A 124 15.31 22.26 -30.52
C SER A 124 15.19 22.02 -32.02
N GLN A 125 15.98 21.09 -32.56
CA GLN A 125 16.09 20.90 -34.01
C GLN A 125 15.60 19.54 -34.48
N GLY A 126 14.69 18.94 -33.73
CA GLY A 126 14.18 17.61 -34.04
C GLY A 126 14.95 16.52 -33.32
N ILE A 127 14.27 15.42 -32.99
CA ILE A 127 14.91 14.29 -32.31
C ILE A 127 15.90 13.55 -33.20
N SER A 128 15.88 13.86 -34.49
CA SER A 128 16.73 13.18 -35.44
C SER A 128 18.01 13.96 -35.73
N ALA A 129 18.15 15.11 -35.09
CA ALA A 129 19.23 16.04 -35.39
C ALA A 129 20.54 15.73 -34.68
N TYR A 130 20.46 15.03 -33.56
CA TYR A 130 21.65 14.80 -32.73
C TYR A 130 22.05 13.33 -32.61
N PRO A 131 23.34 13.07 -32.37
CA PRO A 131 23.82 11.71 -32.11
C PRO A 131 23.23 11.14 -30.82
N LEU A 132 23.16 9.82 -30.74
CA LEU A 132 22.63 9.17 -29.54
C LEU A 132 23.66 9.20 -28.42
N LEU A 133 24.93 9.29 -28.80
CA LEU A 133 26.01 9.30 -27.83
C LEU A 133 26.98 10.43 -28.09
N VAL A 134 27.21 11.27 -27.09
CA VAL A 134 28.16 12.36 -27.20
C VAL A 134 29.30 12.15 -26.20
N LEU A 135 30.53 12.26 -26.69
CA LEU A 135 31.71 11.96 -25.88
C LEU A 135 32.69 13.14 -25.85
N GLN A 136 33.21 13.45 -24.67
CA GLN A 136 34.18 14.54 -24.55
C GLN A 136 35.39 14.14 -23.72
N VAL A 137 36.55 14.14 -24.36
CA VAL A 137 37.81 13.94 -23.65
C VAL A 137 38.44 15.29 -23.37
N THR A 138 38.50 15.66 -22.08
CA THR A 138 39.02 16.96 -21.69
C THR A 138 40.38 16.82 -21.01
N PHE A 139 41.34 17.59 -21.50
CA PHE A 139 42.69 17.60 -20.93
C PHE A 139 42.85 18.76 -19.95
N PHE A 140 43.16 18.43 -18.69
CA PHE A 140 43.23 19.44 -17.64
C PHE A 140 44.64 19.99 -17.47
N LYS A 141 44.75 21.06 -16.68
CA LYS A 141 46.03 21.73 -16.45
C LYS A 141 46.82 21.06 -15.32
N CYS A 142 46.83 19.74 -15.34
CA CYS A 142 47.61 18.96 -14.38
C CYS A 142 48.04 17.66 -15.04
N GLY A 143 47.63 17.50 -16.30
CA GLY A 143 47.90 16.29 -17.04
C GLY A 143 46.74 15.32 -16.96
N GLY A 144 45.81 15.59 -16.07
CA GLY A 144 44.64 14.75 -15.86
C GLY A 144 43.65 14.85 -17.01
N VAL A 145 42.76 13.86 -17.10
CA VAL A 145 41.79 13.79 -18.19
C VAL A 145 40.42 13.32 -17.67
N SER A 146 39.35 13.95 -18.17
CA SER A 146 38.01 13.47 -17.90
C SER A 146 37.35 12.94 -19.17
N LEU A 147 36.59 11.85 -19.03
CA LEU A 147 35.77 11.34 -20.11
C LEU A 147 34.31 11.60 -19.81
N GLY A 148 33.71 12.57 -20.48
CA GLY A 148 32.32 12.89 -20.29
C GLY A 148 31.44 12.16 -21.28
N VAL A 149 30.34 11.58 -20.79
CA VAL A 149 29.46 10.76 -21.61
C VAL A 149 28.01 11.21 -21.52
N GLY A 150 27.41 11.51 -22.68
CA GLY A 150 25.99 11.79 -22.75
C GLY A 150 25.32 10.77 -23.63
N MET A 151 24.44 9.94 -23.04
CA MET A 151 23.80 8.86 -23.77
C MET A 151 22.28 8.99 -23.76
N GLN A 152 21.68 9.06 -24.95
CA GLN A 152 20.23 9.05 -25.08
C GLN A 152 19.70 7.66 -24.69
N HIS A 153 18.86 7.62 -23.67
N HIS A 153 18.85 7.65 -23.66
CA HIS A 153 18.39 6.34 -23.14
CA HIS A 153 18.33 6.41 -23.10
C HIS A 153 17.28 5.71 -23.97
C HIS A 153 17.45 5.61 -24.06
N HIS A 154 17.07 6.23 -25.17
CA HIS A 154 16.24 5.56 -26.17
C HIS A 154 17.07 4.45 -26.79
N ALA A 155 18.38 4.64 -26.76
CA ALA A 155 19.32 3.64 -27.26
C ALA A 155 19.37 2.43 -26.34
N ALA A 156 19.60 2.68 -25.06
CA ALA A 156 19.74 1.62 -24.07
C ALA A 156 19.83 2.24 -22.67
N ASP A 157 19.77 1.39 -21.64
CA ASP A 157 19.92 1.89 -20.27
C ASP A 157 21.39 2.01 -19.90
N GLY A 158 21.67 2.42 -18.67
CA GLY A 158 23.03 2.62 -18.22
C GLY A 158 23.85 1.34 -18.17
N PHE A 159 23.16 0.22 -17.99
CA PHE A 159 23.82 -1.09 -17.93
C PHE A 159 24.46 -1.42 -19.27
N SER A 160 23.71 -1.23 -20.35
CA SER A 160 24.23 -1.46 -21.69
C SER A 160 25.21 -0.37 -22.09
N GLY A 161 25.01 0.83 -21.54
CA GLY A 161 25.91 1.94 -21.81
C GLY A 161 27.27 1.66 -21.21
N LEU A 162 27.27 1.12 -20.01
CA LEU A 162 28.51 0.72 -19.35
C LEU A 162 29.17 -0.44 -20.11
N HIS A 163 28.33 -1.31 -20.67
CA HIS A 163 28.82 -2.43 -21.48
C HIS A 163 29.60 -1.89 -22.67
N PHE A 164 29.08 -0.82 -23.28
CA PHE A 164 29.73 -0.22 -24.44
C PHE A 164 31.06 0.44 -24.08
N ILE A 165 31.08 1.25 -23.03
CA ILE A 165 32.26 1.98 -22.63
C ILE A 165 33.42 1.04 -22.28
N ASN A 166 33.11 0.00 -21.51
CA ASN A 166 34.12 -0.98 -21.13
C ASN A 166 34.64 -1.76 -22.34
N THR A 167 33.77 -2.02 -23.30
CA THR A 167 34.17 -2.69 -24.54
C THR A 167 35.10 -1.80 -25.35
N TRP A 168 34.75 -0.52 -25.42
CA TRP A 168 35.57 0.49 -26.07
C TRP A 168 36.97 0.50 -25.48
N SER A 169 37.06 0.60 -24.17
CA SER A 169 38.34 0.63 -23.47
C SER A 169 39.13 -0.65 -23.68
N ASP A 170 38.44 -1.78 -23.69
CA ASP A 170 39.07 -3.07 -23.96
C ASP A 170 39.76 -3.04 -25.32
N MET A 171 39.01 -2.65 -26.35
CA MET A 171 39.54 -2.59 -27.70
C MET A 171 40.67 -1.56 -27.82
N ALA A 172 40.60 -0.52 -27.00
CA ALA A 172 41.64 0.50 -26.96
C ALA A 172 42.96 -0.10 -26.47
N ARG A 173 42.86 -1.18 -25.71
CA ARG A 173 44.04 -1.88 -25.22
C ARG A 173 44.37 -3.09 -26.10
N GLY A 174 43.70 -3.18 -27.24
CA GLY A 174 43.99 -4.22 -28.22
C GLY A 174 43.21 -5.49 -28.01
N LEU A 175 42.36 -5.51 -26.99
CA LEU A 175 41.58 -6.70 -26.68
C LEU A 175 40.41 -6.88 -27.64
N ASP A 176 40.02 -8.13 -27.86
CA ASP A 176 38.83 -8.42 -28.65
C ASP A 176 37.61 -8.37 -27.73
N ILE A 177 36.42 -8.38 -28.34
CA ILE A 177 35.20 -8.24 -27.56
C ILE A 177 34.96 -9.49 -26.71
N THR A 178 34.64 -9.26 -25.45
CA THR A 178 34.42 -10.35 -24.49
C THR A 178 32.98 -10.80 -24.51
N LEU A 179 32.08 -9.83 -24.36
CA LEU A 179 30.64 -10.11 -24.38
C LEU A 179 29.98 -9.37 -25.53
N PRO A 180 29.76 -10.06 -26.66
CA PRO A 180 29.08 -9.49 -27.82
C PRO A 180 27.65 -9.09 -27.46
N PRO A 181 27.22 -7.90 -27.91
CA PRO A 181 25.88 -7.40 -27.59
C PRO A 181 24.77 -8.15 -28.33
N PHE A 182 23.63 -8.31 -27.67
CA PHE A 182 22.44 -8.87 -28.30
C PHE A 182 21.46 -7.75 -28.60
N ILE A 183 21.07 -7.63 -29.87
CA ILE A 183 20.26 -6.49 -30.28
C ILE A 183 18.91 -6.93 -30.86
N ASP A 184 17.91 -6.97 -29.98
CA ASP A 184 16.54 -7.29 -30.35
C ASP A 184 15.64 -7.05 -29.14
N ARG A 185 14.90 -5.94 -29.17
CA ARG A 185 14.11 -5.53 -28.02
C ARG A 185 12.68 -6.08 -28.08
N THR A 186 12.37 -6.81 -29.13
CA THR A 186 11.03 -7.41 -29.27
C THR A 186 10.78 -8.47 -28.20
N LEU A 187 11.84 -8.85 -27.49
CA LEU A 187 11.72 -9.77 -26.36
C LEU A 187 10.92 -9.14 -25.23
N LEU A 188 10.85 -7.81 -25.23
CA LEU A 188 10.11 -7.08 -24.22
C LEU A 188 8.83 -6.49 -24.78
N SER A 189 8.30 -7.12 -25.82
CA SER A 189 7.01 -6.72 -26.37
C SER A 189 5.91 -7.09 -25.38
N ALA A 190 4.88 -6.26 -25.30
CA ALA A 190 3.73 -6.57 -24.46
C ALA A 190 2.90 -7.68 -25.09
N ARG A 191 2.12 -8.37 -24.26
CA ARG A 191 1.24 -9.42 -24.75
C ARG A 191 0.12 -8.83 -25.62
N ASP A 192 -0.38 -9.63 -26.55
CA ASP A 192 -1.54 -9.23 -27.35
C ASP A 192 -2.70 -10.19 -27.15
N PRO A 193 -3.78 -9.74 -26.48
CA PRO A 193 -3.94 -8.39 -25.94
C PRO A 193 -3.20 -8.18 -24.62
N PRO A 194 -2.90 -6.92 -24.27
CA PRO A 194 -2.24 -6.60 -23.00
C PRO A 194 -3.09 -6.99 -21.80
N GLN A 195 -2.53 -7.76 -20.88
CA GLN A 195 -3.28 -8.22 -19.71
C GLN A 195 -2.58 -7.85 -18.42
N PRO A 196 -2.74 -6.60 -17.96
CA PRO A 196 -2.20 -6.16 -16.67
C PRO A 196 -2.93 -6.78 -15.52
N GLN A 197 -2.15 -6.93 -14.48
CA GLN A 197 -2.40 -7.92 -13.44
C GLN A 197 -2.41 -7.20 -12.10
N PHE A 198 -1.57 -6.17 -12.01
CA PHE A 198 -1.56 -5.28 -10.87
C PHE A 198 -1.85 -3.85 -11.31
N LYS A 199 -2.25 -3.01 -10.37
CA LYS A 199 -2.47 -1.58 -10.65
C LYS A 199 -1.15 -0.86 -10.81
N HIS A 200 -0.04 -1.51 -10.45
CA HIS A 200 1.33 -0.94 -10.54
C HIS A 200 1.70 0.35 -9.74
N VAL A 201 1.74 0.24 -8.40
CA VAL A 201 1.86 1.38 -7.51
C VAL A 201 3.02 2.30 -7.91
N GLU A 202 3.94 1.77 -8.71
CA GLU A 202 5.12 2.52 -9.13
C GLU A 202 4.76 3.80 -9.88
N TYR A 203 3.63 3.78 -10.57
CA TYR A 203 3.24 4.91 -11.41
C TYR A 203 2.14 5.77 -10.77
N GLN A 204 1.85 5.51 -9.50
CA GLN A 204 0.87 6.31 -8.79
C GLN A 204 1.51 7.60 -8.28
N PRO A 205 0.72 8.67 -8.11
CA PRO A 205 1.26 9.92 -7.57
C PRO A 205 1.87 9.73 -6.18
N PRO A 206 3.06 10.31 -5.96
CA PRO A 206 3.78 10.17 -4.69
C PRO A 206 3.17 11.03 -3.57
N PRO A 207 3.51 10.73 -2.31
CA PRO A 207 3.11 11.55 -1.17
C PRO A 207 3.54 13.00 -1.32
N ALA A 208 2.68 13.94 -0.94
CA ALA A 208 2.97 15.37 -1.09
C ALA A 208 3.35 16.00 0.25
N MET A 209 3.79 17.25 0.20
CA MET A 209 4.35 17.93 1.36
C MET A 209 3.49 19.09 1.87
N LYS A 210 2.19 19.00 1.66
CA LYS A 210 1.26 20.05 2.08
C LYS A 210 1.63 21.38 1.44
N THR A 211 2.88 21.81 1.64
CA THR A 211 3.36 23.06 1.07
C THR A 211 4.43 22.80 0.01
N TYR A 212 5.39 23.72 -0.08
CA TYR A 212 6.51 23.61 -1.00
C TYR A 212 7.23 24.94 -1.22
N GLU A 213 8.35 25.15 -0.52
CA GLU A 213 9.16 26.35 -0.68
C GLU A 213 9.87 26.31 -2.03
N PRO A 214 10.95 27.09 -2.21
CA PRO A 214 11.65 27.01 -3.49
C PRO A 214 12.75 25.96 -3.49
N ALA A 215 13.59 25.98 -2.45
CA ALA A 215 14.62 24.95 -2.25
C ALA A 215 15.96 25.23 -2.94
N GLU A 216 16.97 25.51 -2.14
CA GLU A 216 18.37 25.63 -2.59
C GLU A 216 18.98 24.25 -2.46
N THR A 217 19.03 23.52 -3.53
CA THR A 217 19.57 22.17 -3.51
C THR A 217 21.09 22.10 -3.72
N VAL A 218 21.74 21.35 -2.87
CA VAL A 218 23.18 21.16 -2.97
C VAL A 218 23.51 19.69 -3.17
N VAL A 219 24.69 19.41 -3.68
CA VAL A 219 25.12 18.04 -3.92
C VAL A 219 26.37 17.71 -3.10
N SER A 220 26.36 16.55 -2.45
CA SER A 220 27.49 16.12 -1.66
C SER A 220 27.77 14.64 -1.85
N ILE A 221 28.91 14.19 -1.33
CA ILE A 221 29.26 12.78 -1.41
C ILE A 221 29.99 12.37 -0.13
N PHE A 222 29.62 11.22 0.42
CA PHE A 222 30.13 10.78 1.71
C PHE A 222 30.65 9.35 1.65
N LYS A 223 31.88 9.15 2.11
CA LYS A 223 32.49 7.83 2.12
C LYS A 223 32.09 7.01 3.35
N LEU A 224 31.74 5.76 3.13
CA LEU A 224 31.48 4.82 4.21
C LEU A 224 32.50 3.68 4.19
N THR A 225 33.20 3.49 5.31
CA THR A 225 34.23 2.47 5.38
C THR A 225 33.64 1.07 5.43
N LYS A 226 34.48 0.07 5.20
CA LYS A 226 34.05 -1.33 5.25
C LYS A 226 33.57 -1.69 6.65
N ASP A 227 34.22 -1.14 7.66
CA ASP A 227 33.82 -1.37 9.05
C ASP A 227 32.46 -0.75 9.33
N GLN A 228 32.23 0.43 8.78
CA GLN A 228 30.96 1.12 8.94
C GLN A 228 29.82 0.33 8.28
N LEU A 229 30.12 -0.26 7.13
CA LEU A 229 29.14 -1.08 6.42
C LEU A 229 28.88 -2.39 7.16
N THR A 230 29.94 -2.94 7.75
CA THR A 230 29.81 -4.17 8.53
C THR A 230 29.01 -3.92 9.80
N THR A 231 29.25 -2.77 10.43
CA THR A 231 28.53 -2.41 11.64
C THR A 231 27.05 -2.18 11.34
N LEU A 232 26.76 -1.61 10.18
CA LEU A 232 25.38 -1.34 9.78
C LEU A 232 24.62 -2.63 9.49
N LYS A 233 25.32 -3.63 8.98
CA LYS A 233 24.69 -4.89 8.60
C LYS A 233 24.21 -5.68 9.82
N ALA A 234 25.01 -5.68 10.88
CA ALA A 234 24.67 -6.45 12.08
C ALA A 234 23.62 -5.75 12.93
N LYS A 235 23.14 -4.59 12.46
CA LYS A 235 22.06 -3.89 13.12
C LYS A 235 20.73 -4.57 12.82
N SER A 236 20.78 -5.59 11.97
CA SER A 236 19.60 -6.40 11.67
C SER A 236 19.25 -7.27 12.87
N LYS A 237 20.18 -7.35 13.82
CA LYS A 237 19.98 -8.11 15.05
C LYS A 237 19.22 -7.30 16.09
N GLU A 238 19.08 -6.00 15.82
CA GLU A 238 18.42 -5.07 16.74
C GLU A 238 16.94 -5.42 16.94
N ASP A 239 16.45 -5.18 18.15
CA ASP A 239 15.06 -5.43 18.51
C ASP A 239 14.65 -6.90 18.28
N GLY A 240 15.61 -7.80 18.40
CA GLY A 240 15.35 -9.22 18.30
C GLY A 240 14.94 -9.70 16.92
N ASN A 241 15.31 -8.94 15.89
CA ASN A 241 15.02 -9.34 14.53
C ASN A 241 16.03 -10.36 14.00
N THR A 244 17.87 -11.82 8.10
CA THR A 244 19.02 -11.07 7.64
C THR A 244 18.74 -10.39 6.31
N TYR A 245 19.00 -9.08 6.25
CA TYR A 245 18.89 -8.34 5.00
C TYR A 245 20.29 -8.00 4.50
N SER A 246 20.44 -7.87 3.19
CA SER A 246 21.74 -7.64 2.57
C SER A 246 22.30 -6.26 2.91
N SER A 247 23.57 -6.05 2.60
CA SER A 247 24.23 -4.78 2.84
C SER A 247 23.57 -3.67 2.04
N TYR A 248 23.18 -4.00 0.81
CA TYR A 248 22.51 -3.07 -0.08
C TYR A 248 21.13 -2.66 0.46
N GLU A 249 20.38 -3.64 0.93
CA GLU A 249 19.05 -3.38 1.48
C GLU A 249 19.16 -2.53 2.74
N MET A 250 20.15 -2.84 3.58
CA MET A 250 20.36 -2.13 4.83
C MET A 250 20.86 -0.70 4.58
N LEU A 251 21.74 -0.54 3.60
CA LEU A 251 22.29 0.78 3.30
C LEU A 251 21.25 1.71 2.69
N SER A 252 20.49 1.19 1.72
CA SER A 252 19.42 1.95 1.10
C SER A 252 18.37 2.34 2.13
N GLY A 253 18.09 1.44 3.06
CA GLY A 253 17.18 1.72 4.16
C GLY A 253 17.75 2.77 5.08
N HIS A 254 19.07 2.67 5.34
CA HIS A 254 19.77 3.64 6.16
C HIS A 254 19.70 5.04 5.55
N VAL A 255 19.98 5.14 4.27
CA VAL A 255 19.92 6.40 3.54
C VAL A 255 18.49 6.96 3.55
N TRP A 256 17.53 6.11 3.22
CA TRP A 256 16.12 6.49 3.23
C TRP A 256 15.72 7.06 4.58
N ARG A 257 16.13 6.36 5.64
CA ARG A 257 15.81 6.78 7.00
C ARG A 257 16.48 8.12 7.35
N CYS A 258 17.77 8.23 7.02
CA CYS A 258 18.52 9.44 7.32
C CYS A 258 17.95 10.66 6.60
N THR A 259 17.49 10.46 5.36
CA THR A 259 16.91 11.54 4.57
C THR A 259 15.65 12.10 5.24
N CYS A 260 14.81 11.21 5.74
CA CYS A 260 13.57 11.61 6.40
C CYS A 260 13.84 12.42 7.66
N LEU A 261 14.80 11.98 8.45
CA LEU A 261 15.16 12.69 9.68
C LEU A 261 15.85 14.02 9.39
N ALA A 262 16.66 14.06 8.33
CA ALA A 262 17.37 15.27 7.96
C ALA A 262 16.43 16.33 7.43
N ARG A 263 15.40 15.90 6.71
CA ARG A 263 14.43 16.81 6.14
C ARG A 263 13.45 17.34 7.19
N GLY A 264 13.54 16.80 8.40
CA GLY A 264 12.66 17.20 9.48
C GLY A 264 11.21 16.91 9.15
N LEU A 265 10.97 15.73 8.56
CA LEU A 265 9.62 15.32 8.19
C LEU A 265 8.75 15.12 9.41
N PRO A 266 7.49 15.57 9.34
CA PRO A 266 6.56 15.35 10.44
C PRO A 266 6.36 13.86 10.68
N GLU A 267 6.04 13.50 11.92
CA GLU A 267 5.89 12.10 12.30
C GLU A 267 4.87 11.36 11.44
N GLU A 268 3.85 12.08 10.96
CA GLU A 268 2.77 11.47 10.21
C GLU A 268 2.98 11.50 8.70
N GLN A 269 3.98 12.27 8.25
CA GLN A 269 4.22 12.45 6.83
C GLN A 269 4.61 11.15 6.12
N GLU A 270 3.95 10.86 5.01
CA GLU A 270 4.27 9.67 4.21
C GLU A 270 5.45 9.93 3.29
N THR A 271 6.23 8.89 3.04
CA THR A 271 7.38 8.99 2.14
C THR A 271 7.43 7.79 1.21
N LYS A 272 7.83 8.04 -0.03
CA LYS A 272 7.91 6.97 -1.03
C LYS A 272 9.32 6.92 -1.61
N LEU A 273 9.90 5.72 -1.59
CA LEU A 273 11.26 5.52 -2.10
C LEU A 273 11.25 4.88 -3.47
N TYR A 274 12.00 5.45 -4.40
CA TYR A 274 12.10 4.91 -5.76
C TYR A 274 13.45 4.23 -5.94
N ILE A 275 13.42 2.93 -6.21
CA ILE A 275 14.63 2.13 -6.30
C ILE A 275 14.83 1.55 -7.69
N ALA A 276 15.88 1.95 -8.37
CA ALA A 276 16.22 1.39 -9.67
C ALA A 276 16.66 -0.06 -9.52
N THR A 277 15.98 -0.96 -10.21
CA THR A 277 16.31 -2.38 -10.17
C THR A 277 16.38 -2.95 -11.57
N ASP A 278 17.30 -3.89 -11.78
CA ASP A 278 17.56 -4.44 -13.11
C ASP A 278 16.66 -5.65 -13.40
N GLY A 279 15.80 -5.52 -14.40
CA GLY A 279 14.88 -6.57 -14.77
C GLY A 279 15.55 -7.74 -15.47
N ARG A 280 16.83 -7.59 -15.81
CA ARG A 280 17.58 -8.65 -16.47
C ARG A 280 17.69 -9.89 -15.60
N SER A 281 17.72 -9.69 -14.29
CA SER A 281 17.92 -10.79 -13.34
C SER A 281 16.68 -11.65 -13.13
N ARG A 282 15.51 -11.11 -13.46
CA ARG A 282 14.26 -11.74 -13.05
C ARG A 282 13.29 -12.04 -14.19
N LEU A 283 13.53 -11.45 -15.36
CA LEU A 283 12.69 -11.70 -16.52
C LEU A 283 12.86 -13.11 -17.05
N GLN A 284 11.75 -13.73 -17.45
CA GLN A 284 11.77 -15.10 -17.95
C GLN A 284 11.12 -15.21 -19.33
N PRO A 285 11.75 -15.97 -20.25
CA PRO A 285 13.04 -16.63 -20.04
C PRO A 285 14.19 -15.62 -20.04
N GLN A 286 15.35 -16.02 -19.52
CA GLN A 286 16.46 -15.09 -19.32
C GLN A 286 16.87 -14.38 -20.60
N LEU A 287 16.97 -13.05 -20.51
CA LEU A 287 17.47 -12.25 -21.63
C LEU A 287 18.87 -12.70 -21.99
N PRO A 288 19.17 -12.77 -23.30
CA PRO A 288 20.51 -13.15 -23.76
C PRO A 288 21.57 -12.23 -23.18
N PRO A 289 22.75 -12.77 -22.83
CA PRO A 289 23.84 -11.95 -22.30
C PRO A 289 24.21 -10.84 -23.26
N GLY A 290 24.42 -9.64 -22.71
CA GLY A 290 24.78 -8.49 -23.53
C GLY A 290 23.57 -7.87 -24.22
N TYR A 291 22.38 -8.21 -23.76
CA TYR A 291 21.13 -7.61 -24.25
C TYR A 291 21.26 -6.09 -24.26
N PHE A 292 21.08 -5.51 -25.45
CA PHE A 292 21.28 -4.08 -25.62
C PHE A 292 19.96 -3.32 -25.60
N GLY A 293 19.70 -2.63 -24.49
CA GLY A 293 18.45 -1.88 -24.36
C GLY A 293 18.17 -1.41 -22.94
N ASN A 294 16.92 -1.03 -22.70
CA ASN A 294 16.47 -0.65 -21.37
C ASN A 294 15.75 -1.80 -20.67
N VAL A 295 16.22 -2.17 -19.48
CA VAL A 295 15.59 -3.21 -18.69
C VAL A 295 15.50 -2.79 -17.22
N ILE A 296 15.59 -1.48 -16.98
CA ILE A 296 15.57 -0.97 -15.62
C ILE A 296 14.16 -0.61 -15.18
N PHE A 297 13.72 -1.22 -14.08
CA PHE A 297 12.42 -0.94 -13.51
C PHE A 297 12.60 -0.27 -12.15
N THR A 298 11.50 -0.08 -11.41
CA THR A 298 11.58 0.61 -10.14
C THR A 298 10.71 -0.01 -9.05
N ALA A 299 11.34 -0.38 -7.94
CA ALA A 299 10.61 -0.80 -6.74
C ALA A 299 10.28 0.43 -5.92
N THR A 300 9.03 0.54 -5.48
CA THR A 300 8.56 1.72 -4.77
C THR A 300 7.87 1.41 -3.45
N PRO A 301 8.66 1.16 -2.39
CA PRO A 301 8.09 0.95 -1.06
C PRO A 301 7.56 2.23 -0.43
N LEU A 302 6.45 2.13 0.30
CA LEU A 302 5.88 3.26 1.02
C LEU A 302 6.17 3.14 2.50
N ALA A 303 6.19 4.27 3.21
CA ALA A 303 6.42 4.26 4.64
C ALA A 303 5.96 5.55 5.32
N VAL A 304 5.91 5.50 6.64
CA VAL A 304 5.59 6.67 7.46
C VAL A 304 6.86 7.17 8.13
N ALA A 305 7.16 8.46 7.93
CA ALA A 305 8.40 9.06 8.39
C ALA A 305 8.65 8.83 9.88
N GLY A 306 7.58 8.86 10.68
CA GLY A 306 7.68 8.63 12.10
C GLY A 306 8.10 7.21 12.43
N ASP A 307 7.66 6.27 11.60
CA ASP A 307 7.99 4.86 11.80
C ASP A 307 9.44 4.58 11.43
N LEU A 308 9.89 5.13 10.31
CA LEU A 308 11.27 4.96 9.88
C LEU A 308 12.26 5.43 10.93
N GLY A 309 11.95 6.55 11.57
CA GLY A 309 12.83 7.13 12.56
C GLY A 309 12.78 6.44 13.91
N SER A 310 11.61 5.97 14.31
CA SER A 310 11.44 5.37 15.63
C SER A 310 11.76 3.88 15.63
N LYS A 311 11.87 3.29 14.44
CA LYS A 311 12.15 1.86 14.31
C LYS A 311 13.55 1.63 13.75
N PRO A 312 14.12 0.44 14.00
CA PRO A 312 15.47 0.14 13.52
C PRO A 312 15.59 0.17 12.00
N VAL A 313 16.82 0.20 11.49
CA VAL A 313 17.08 0.27 10.06
C VAL A 313 16.48 -0.93 9.31
N TRP A 314 16.49 -2.09 9.94
CA TRP A 314 15.98 -3.29 9.28
C TRP A 314 14.49 -3.17 8.94
N TYR A 315 13.79 -2.28 9.63
CA TYR A 315 12.40 -2.00 9.29
C TYR A 315 12.31 -1.38 7.92
N ALA A 316 13.19 -0.42 7.65
CA ALA A 316 13.29 0.21 6.34
C ALA A 316 13.77 -0.80 5.32
N ALA A 317 14.75 -1.62 5.70
CA ALA A 317 15.30 -2.64 4.82
C ALA A 317 14.26 -3.68 4.44
N SER A 318 13.38 -4.01 5.37
CA SER A 318 12.33 -5.00 5.13
C SER A 318 11.38 -4.52 4.04
N LYS A 319 10.97 -3.26 4.13
CA LYS A 319 10.10 -2.65 3.12
C LYS A 319 10.76 -2.67 1.75
N ILE A 320 12.05 -2.35 1.71
CA ILE A 320 12.82 -2.36 0.48
C ILE A 320 12.90 -3.78 -0.09
N HIS A 321 13.19 -4.74 0.78
CA HIS A 321 13.28 -6.13 0.38
C HIS A 321 11.95 -6.64 -0.18
N ASP A 322 10.85 -6.28 0.46
CA ASP A 322 9.53 -6.73 0.04
C ASP A 322 9.17 -6.19 -1.34
N ALA A 323 9.47 -4.92 -1.58
CA ALA A 323 9.17 -4.28 -2.86
C ALA A 323 9.94 -4.94 -3.99
N LEU A 324 11.20 -5.29 -3.73
CA LEU A 324 12.04 -5.93 -4.73
C LEU A 324 11.64 -7.38 -4.96
N ALA A 325 11.23 -8.05 -3.90
CA ALA A 325 10.90 -9.47 -3.97
C ALA A 325 9.67 -9.75 -4.83
N ARG A 326 8.73 -8.80 -4.85
CA ARG A 326 7.50 -9.02 -5.60
C ARG A 326 7.65 -8.65 -7.07
N MET A 327 8.83 -8.16 -7.45
CA MET A 327 9.08 -7.81 -8.85
C MET A 327 9.71 -8.98 -9.62
N ASP A 328 8.98 -10.09 -9.65
CA ASP A 328 9.41 -11.26 -10.41
C ASP A 328 9.08 -11.09 -11.89
N ASN A 329 9.15 -12.19 -12.63
CA ASN A 329 8.83 -12.14 -14.06
C ASN A 329 7.40 -11.68 -14.31
N ASP A 330 6.44 -12.28 -13.60
CA ASP A 330 5.03 -11.96 -13.76
C ASP A 330 4.74 -10.49 -13.51
N TYR A 331 5.38 -9.91 -12.50
CA TYR A 331 5.15 -8.51 -12.17
C TYR A 331 5.69 -7.60 -13.25
N LEU A 332 6.86 -7.95 -13.80
CA LEU A 332 7.49 -7.17 -14.84
C LEU A 332 6.73 -7.34 -16.16
N ARG A 333 6.24 -8.54 -16.41
CA ARG A 333 5.41 -8.80 -17.59
C ARG A 333 4.11 -8.01 -17.53
N SER A 334 3.57 -7.87 -16.32
CA SER A 334 2.37 -7.07 -16.11
C SER A 334 2.66 -5.60 -16.39
N ALA A 335 3.87 -5.16 -16.07
CA ALA A 335 4.28 -3.78 -16.27
C ALA A 335 4.32 -3.44 -17.75
N LEU A 336 4.82 -4.36 -18.56
CA LEU A 336 4.86 -4.18 -20.00
C LEU A 336 3.46 -4.02 -20.56
N ASP A 337 2.52 -4.80 -20.02
CA ASP A 337 1.13 -4.76 -20.44
C ASP A 337 0.42 -3.48 -19.97
N PHE A 338 0.71 -3.07 -18.74
CA PHE A 338 0.16 -1.82 -18.18
C PHE A 338 0.68 -0.60 -18.96
N LEU A 339 1.97 -0.58 -19.25
CA LEU A 339 2.54 0.52 -20.04
C LEU A 339 1.95 0.56 -21.45
N GLU A 340 1.69 -0.61 -22.00
CA GLU A 340 1.13 -0.73 -23.34
C GLU A 340 -0.22 -0.03 -23.47
N LEU A 341 -0.98 -0.03 -22.38
CA LEU A 341 -2.31 0.56 -22.38
C LEU A 341 -2.30 2.05 -22.09
N GLN A 342 -1.15 2.56 -21.67
CA GLN A 342 -1.03 3.98 -21.33
C GLN A 342 -0.99 4.84 -22.59
N PRO A 343 -1.77 5.94 -22.60
CA PRO A 343 -1.84 6.86 -23.74
C PRO A 343 -0.54 7.65 -23.97
N ASP A 344 0.17 7.98 -22.90
CA ASP A 344 1.40 8.76 -23.03
C ASP A 344 2.51 8.22 -22.11
N LEU A 345 3.54 7.64 -22.73
CA LEU A 345 4.62 7.01 -21.97
C LEU A 345 5.61 8.02 -21.39
N LYS A 346 5.78 9.15 -22.08
CA LYS A 346 6.70 10.18 -21.62
C LYS A 346 6.19 10.87 -20.36
N ALA A 347 4.87 10.88 -20.19
CA ALA A 347 4.26 11.49 -19.02
C ALA A 347 4.55 10.68 -17.76
N LEU A 348 4.99 9.45 -17.94
CA LEU A 348 5.27 8.56 -16.82
C LEU A 348 6.73 8.68 -16.36
N VAL A 349 7.53 9.38 -17.14
CA VAL A 349 8.92 9.63 -16.78
C VAL A 349 9.00 10.53 -15.56
N ARG A 350 9.76 10.12 -14.56
CA ARG A 350 9.83 10.84 -13.29
C ARG A 350 10.77 12.04 -13.36
N GLY A 351 10.40 13.11 -12.67
CA GLY A 351 11.20 14.33 -12.67
C GLY A 351 11.50 14.83 -11.28
N ALA A 352 11.82 16.13 -11.19
CA ALA A 352 12.14 16.76 -9.92
C ALA A 352 11.00 16.61 -8.92
N HIS A 353 9.78 16.75 -9.42
CA HIS A 353 8.57 16.64 -8.60
C HIS A 353 8.47 15.29 -7.89
N THR A 354 8.96 14.24 -8.54
CA THR A 354 8.88 12.89 -8.01
C THR A 354 9.81 12.71 -6.82
N PHE A 355 10.98 13.33 -6.89
CA PHE A 355 12.01 13.10 -5.89
C PHE A 355 12.15 14.28 -4.92
N ARG A 356 11.24 15.24 -5.01
CA ARG A 356 11.17 16.30 -4.01
C ARG A 356 10.94 15.71 -2.63
N CYS A 357 11.22 16.50 -1.60
CA CYS A 357 10.78 16.20 -0.25
C CYS A 357 9.27 15.94 -0.32
N PRO A 358 8.79 14.87 0.32
CA PRO A 358 9.45 13.93 1.24
C PRO A 358 9.99 12.65 0.59
N ASN A 359 10.03 12.60 -0.74
CA ASN A 359 10.39 11.36 -1.42
C ASN A 359 11.87 11.27 -1.76
N LEU A 360 12.27 10.13 -2.35
CA LEU A 360 13.67 9.87 -2.62
C LEU A 360 13.86 8.80 -3.68
N GLY A 361 14.83 9.02 -4.56
CA GLY A 361 15.22 8.02 -5.54
C GLY A 361 16.63 7.55 -5.28
N ILE A 362 16.85 6.25 -5.34
CA ILE A 362 18.18 5.68 -5.07
C ILE A 362 18.55 4.60 -6.08
N THR A 363 19.83 4.60 -6.46
CA THR A 363 20.37 3.55 -7.32
C THR A 363 21.77 3.19 -6.84
N SER A 364 22.14 1.92 -6.98
CA SER A 364 23.43 1.46 -6.51
C SER A 364 24.27 0.89 -7.64
N TRP A 365 25.42 1.52 -7.88
CA TRP A 365 26.31 1.19 -8.99
C TRP A 365 27.48 0.31 -8.57
N VAL A 366 27.45 -0.18 -7.34
CA VAL A 366 28.55 -0.97 -6.80
C VAL A 366 28.77 -2.23 -7.62
N ARG A 367 27.67 -2.86 -8.04
CA ARG A 367 27.75 -4.08 -8.84
C ARG A 367 28.44 -3.85 -10.16
N LEU A 368 28.17 -2.71 -10.81
CA LEU A 368 28.74 -2.41 -12.08
C LEU A 368 30.24 -2.36 -11.99
N PRO A 369 30.91 -2.87 -13.03
CA PRO A 369 32.33 -2.63 -13.24
C PRO A 369 32.53 -1.22 -13.77
N ILE A 370 32.17 -0.22 -12.98
CA ILE A 370 32.24 1.17 -13.41
C ILE A 370 33.68 1.68 -13.51
N HIS A 371 34.60 0.93 -12.90
CA HIS A 371 36.00 1.33 -12.91
C HIS A 371 36.84 0.45 -13.82
N ASP A 372 36.17 -0.30 -14.70
CA ASP A 372 36.88 -1.20 -15.60
C ASP A 372 37.19 -0.51 -16.94
N ALA A 373 36.91 0.78 -17.01
CA ALA A 373 37.14 1.54 -18.24
C ALA A 373 38.61 1.97 -18.36
N ASP A 374 39.49 0.99 -18.57
CA ASP A 374 40.91 1.25 -18.76
C ASP A 374 41.23 1.31 -20.25
N PHE A 375 41.57 2.51 -20.73
CA PHE A 375 41.87 2.70 -22.15
C PHE A 375 43.35 2.48 -22.45
N GLY A 376 44.09 1.96 -21.46
CA GLY A 376 45.49 1.66 -21.64
C GLY A 376 46.39 2.46 -20.71
N TRP A 377 45.83 3.49 -20.10
CA TRP A 377 46.61 4.36 -19.23
C TRP A 377 46.11 4.31 -17.79
N GLY A 378 45.33 3.28 -17.48
CA GLY A 378 44.85 3.07 -16.13
C GLY A 378 43.34 3.18 -16.00
N ARG A 379 42.81 2.58 -14.93
CA ARG A 379 41.39 2.64 -14.63
C ARG A 379 41.01 4.05 -14.15
N PRO A 380 39.72 4.40 -14.27
CA PRO A 380 39.31 5.72 -13.76
C PRO A 380 39.49 5.84 -12.26
N ILE A 381 39.95 7.01 -11.81
CA ILE A 381 40.13 7.27 -10.38
C ILE A 381 38.78 7.58 -9.75
N PHE A 382 37.80 7.87 -10.61
CA PHE A 382 36.44 8.13 -10.17
C PHE A 382 35.48 8.05 -11.35
N MET A 383 34.25 7.63 -11.07
CA MET A 383 33.17 7.78 -12.03
C MET A 383 31.87 7.93 -11.27
N GLY A 384 30.98 8.75 -11.81
CA GLY A 384 29.68 8.99 -11.20
C GLY A 384 28.78 9.73 -12.16
N PRO A 385 27.55 10.02 -11.74
CA PRO A 385 26.61 10.75 -12.59
C PRO A 385 27.17 12.13 -12.94
N GLY A 386 26.97 12.55 -14.18
CA GLY A 386 27.52 13.81 -14.65
C GLY A 386 26.70 15.01 -14.21
N GLY A 387 26.56 15.18 -12.90
CA GLY A 387 25.83 16.31 -12.36
C GLY A 387 24.38 16.00 -12.05
N ILE A 388 23.96 16.31 -10.83
CA ILE A 388 22.58 16.12 -10.42
C ILE A 388 21.88 17.48 -10.33
N ALA A 389 20.72 17.58 -10.97
CA ALA A 389 20.03 18.86 -11.12
C ALA A 389 19.11 19.20 -9.95
N TYR A 390 18.33 18.23 -9.50
CA TYR A 390 17.34 18.47 -8.47
C TYR A 390 17.53 17.59 -7.24
N GLU A 391 16.88 17.98 -6.15
CA GLU A 391 16.98 17.28 -4.87
C GLU A 391 16.37 15.89 -4.93
N GLY A 392 16.77 15.03 -3.99
CA GLY A 392 16.12 13.75 -3.79
C GLY A 392 16.64 12.59 -4.63
N LEU A 393 17.87 12.71 -5.11
CA LEU A 393 18.51 11.63 -5.84
C LEU A 393 19.78 11.19 -5.13
N SER A 394 19.97 9.88 -5.00
CA SER A 394 21.18 9.36 -4.37
C SER A 394 21.83 8.26 -5.19
N PHE A 395 23.15 8.28 -5.27
CA PHE A 395 23.92 7.29 -6.00
C PHE A 395 24.92 6.63 -5.06
N VAL A 396 24.85 5.31 -4.96
CA VAL A 396 25.80 4.57 -4.15
C VAL A 396 26.94 4.07 -5.02
N LEU A 397 28.12 4.66 -4.83
CA LEU A 397 29.28 4.34 -5.67
C LEU A 397 30.31 3.53 -4.91
N PRO A 398 30.77 2.43 -5.51
CA PRO A 398 31.84 1.62 -4.91
C PRO A 398 33.19 2.32 -4.99
N SER A 399 34.14 1.90 -4.18
CA SER A 399 35.48 2.48 -4.20
C SER A 399 36.29 2.02 -5.41
N PRO A 400 37.11 2.91 -5.97
CA PRO A 400 38.05 2.53 -7.03
C PRO A 400 39.13 1.61 -6.50
N THR A 401 39.42 1.72 -5.20
CA THR A 401 40.41 0.89 -4.54
C THR A 401 39.75 -0.39 -4.03
N ASN A 402 40.51 -1.24 -3.35
CA ASN A 402 39.98 -2.52 -2.88
C ASN A 402 39.66 -2.55 -1.40
N ASP A 403 39.54 -1.38 -0.79
CA ASP A 403 39.30 -1.29 0.65
C ASP A 403 37.87 -1.64 1.06
N GLY A 404 37.02 -1.89 0.06
CA GLY A 404 35.65 -2.25 0.32
C GLY A 404 34.79 -1.09 0.81
N SER A 405 35.31 0.13 0.71
CA SER A 405 34.52 1.29 1.08
C SER A 405 33.59 1.68 -0.05
N LEU A 406 32.63 2.55 0.23
CA LEU A 406 31.78 3.09 -0.82
C LEU A 406 31.46 4.56 -0.55
N SER A 407 30.82 5.19 -1.53
CA SER A 407 30.43 6.59 -1.39
C SER A 407 28.95 6.76 -1.65
N VAL A 408 28.31 7.61 -0.85
CA VAL A 408 26.92 7.96 -1.08
C VAL A 408 26.81 9.39 -1.58
N ALA A 409 26.66 9.56 -2.88
CA ALA A 409 26.42 10.87 -3.46
C ALA A 409 24.91 11.12 -3.46
N ILE A 410 24.52 12.34 -3.10
CA ILE A 410 23.09 12.64 -2.93
C ILE A 410 22.81 14.14 -3.09
N SER A 411 21.60 14.45 -3.54
CA SER A 411 21.16 15.82 -3.68
C SER A 411 20.07 16.14 -2.67
N LEU A 412 20.32 17.15 -1.83
CA LEU A 412 19.35 17.57 -0.82
C LEU A 412 19.30 19.09 -0.74
N GLN A 413 18.35 19.60 0.04
CA GLN A 413 18.31 21.02 0.33
C GLN A 413 19.52 21.37 1.18
N ALA A 414 20.02 22.59 1.03
CA ALA A 414 21.23 23.03 1.74
C ALA A 414 21.11 22.87 3.24
N GLU A 415 19.95 23.19 3.79
CA GLU A 415 19.73 23.12 5.23
C GLU A 415 19.56 21.69 5.72
N HIS A 416 19.22 20.78 4.80
CA HIS A 416 19.01 19.38 5.15
C HIS A 416 20.30 18.56 5.02
N MET A 417 21.22 19.04 4.19
CA MET A 417 22.44 18.30 3.89
C MET A 417 23.34 18.16 5.11
N LYS A 418 23.40 19.22 5.92
CA LYS A 418 24.25 19.24 7.11
C LYS A 418 23.87 18.19 8.15
N LEU A 419 22.57 18.02 8.36
CA LEU A 419 22.08 17.03 9.31
C LEU A 419 22.19 15.61 8.75
N PHE A 420 21.98 15.47 7.43
CA PHE A 420 22.07 14.18 6.79
C PHE A 420 23.43 13.54 7.00
N GLU A 421 24.49 14.37 6.94
CA GLU A 421 25.83 13.88 7.13
C GLU A 421 26.02 13.33 8.54
N LYS A 422 25.46 14.03 9.52
CA LYS A 422 25.51 13.58 10.91
C LYS A 422 24.80 12.25 11.08
N LEU A 423 23.61 12.14 10.50
CA LEU A 423 22.78 10.95 10.64
C LEU A 423 23.35 9.75 9.91
N LEU A 424 23.99 10.00 8.77
CA LEU A 424 24.55 8.93 7.96
C LEU A 424 25.64 8.17 8.70
N TYR A 425 26.38 8.87 9.55
CA TYR A 425 27.49 8.25 10.28
C TYR A 425 27.09 7.79 11.68
N GLN A 426 25.81 7.93 12.01
CA GLN A 426 25.32 7.39 13.28
C GLN A 426 25.10 5.89 13.15
N ILE A 427 26.21 5.16 13.12
CA ILE A 427 26.18 3.71 12.99
C ILE A 427 26.93 3.06 14.16
N MET B 1 -7.46 -13.92 -5.75
CA MET B 1 -7.08 -12.52 -5.57
C MET B 1 -5.83 -12.38 -4.72
N LYS B 2 -4.92 -11.51 -5.15
CA LYS B 2 -3.70 -11.25 -4.40
C LYS B 2 -3.77 -9.89 -3.71
N ILE B 3 -3.65 -9.90 -2.38
CA ILE B 3 -3.63 -8.66 -1.61
C ILE B 3 -2.25 -8.41 -1.00
N HIS B 4 -1.64 -7.30 -1.37
CA HIS B 4 -0.32 -6.95 -0.86
C HIS B 4 -0.40 -5.72 0.03
N VAL B 5 0.29 -5.78 1.18
CA VAL B 5 0.35 -4.65 2.09
C VAL B 5 1.43 -3.67 1.66
N ARG B 6 1.06 -2.41 1.51
CA ARG B 6 2.01 -1.35 1.16
C ARG B 6 2.67 -0.75 2.38
N ASP B 7 1.87 -0.53 3.41
CA ASP B 7 2.34 0.09 4.64
C ASP B 7 1.34 -0.12 5.77
N SER B 8 1.82 -0.07 7.01
CA SER B 8 0.97 -0.17 8.17
C SER B 8 1.55 0.68 9.29
N THR B 9 0.69 1.41 10.00
CA THR B 9 1.16 2.28 11.06
C THR B 9 0.14 2.43 12.17
N LEU B 10 0.61 2.83 13.35
CA LEU B 10 -0.28 3.11 14.47
C LEU B 10 -0.64 4.59 14.48
N VAL B 11 -1.93 4.88 14.34
CA VAL B 11 -2.42 6.25 14.34
C VAL B 11 -2.91 6.65 15.72
N ARG B 12 -2.21 7.58 16.36
CA ARG B 12 -2.55 8.05 17.70
C ARG B 12 -3.36 9.35 17.64
N PRO B 13 -4.08 9.68 18.73
CA PRO B 13 -4.84 10.94 18.78
C PRO B 13 -3.99 12.16 18.45
N SER B 14 -4.53 13.06 17.63
CA SER B 14 -3.81 14.23 17.17
C SER B 14 -3.58 15.26 18.27
N ALA B 15 -4.12 15.01 19.45
CA ALA B 15 -3.93 15.89 20.58
C ALA B 15 -3.83 15.10 21.87
N ALA B 16 -3.59 15.79 22.98
CA ALA B 16 -3.51 15.15 24.29
C ALA B 16 -4.86 14.60 24.70
N THR B 17 -4.87 13.43 25.32
CA THR B 17 -6.09 12.78 25.77
C THR B 17 -5.94 12.29 27.20
N PRO B 18 -7.06 12.12 27.92
CA PRO B 18 -7.01 11.61 29.30
C PRO B 18 -6.28 10.28 29.42
N ALA B 19 -5.31 10.21 30.32
CA ALA B 19 -4.59 8.97 30.60
C ALA B 19 -5.23 8.27 31.78
N VAL B 20 -6.28 7.51 31.52
CA VAL B 20 -7.03 6.85 32.57
C VAL B 20 -7.33 5.40 32.25
N SER B 21 -7.98 4.73 33.19
CA SER B 21 -8.45 3.36 32.99
C SER B 21 -9.96 3.36 32.92
N LEU B 22 -10.49 3.08 31.73
CA LEU B 22 -11.94 3.11 31.53
C LEU B 22 -12.58 1.81 32.00
N TRP B 23 -13.55 1.93 32.90
CA TRP B 23 -14.22 0.78 33.48
C TRP B 23 -15.21 0.18 32.48
N ASN B 24 -15.31 -1.15 32.50
CA ASN B 24 -16.24 -1.87 31.64
C ASN B 24 -17.42 -2.41 32.43
N SER B 25 -18.64 -2.11 31.97
CA SER B 25 -19.83 -2.67 32.59
C SER B 25 -19.96 -4.14 32.22
N ASN B 26 -20.97 -4.80 32.77
CA ASN B 26 -21.20 -6.21 32.48
C ASN B 26 -21.51 -6.43 30.99
N VAL B 27 -22.12 -5.44 30.36
CA VAL B 27 -22.45 -5.53 28.95
C VAL B 27 -21.20 -5.43 28.09
N ASP B 28 -20.20 -4.71 28.61
CA ASP B 28 -18.95 -4.53 27.89
C ASP B 28 -18.02 -5.74 28.07
N LEU B 29 -18.49 -6.74 28.83
CA LEU B 29 -17.68 -7.92 29.11
C LEU B 29 -18.23 -9.18 28.46
N VAL B 30 -19.55 -9.23 28.27
CA VAL B 30 -20.17 -10.37 27.57
C VAL B 30 -20.04 -10.16 26.07
N VAL B 31 -18.80 -10.16 25.59
CA VAL B 31 -18.51 -9.98 24.17
C VAL B 31 -17.38 -10.94 23.76
N PRO B 32 -17.27 -11.25 22.46
CA PRO B 32 -16.20 -12.14 21.97
C PRO B 32 -14.80 -11.62 22.22
N ASN B 33 -13.81 -12.51 22.10
CA ASN B 33 -12.41 -12.14 22.28
C ASN B 33 -11.81 -11.54 21.02
N PHE B 34 -12.43 -11.80 19.88
CA PHE B 34 -11.90 -11.35 18.60
C PHE B 34 -12.47 -10.00 18.17
N HIS B 35 -11.91 -9.45 17.10
CA HIS B 35 -12.41 -8.20 16.53
C HIS B 35 -13.57 -8.46 15.59
N THR B 36 -14.64 -7.69 15.74
CA THR B 36 -15.80 -7.86 14.88
C THR B 36 -15.60 -7.17 13.54
N PRO B 37 -15.76 -7.92 12.45
CA PRO B 37 -15.49 -7.46 11.09
C PRO B 37 -16.64 -6.69 10.46
N SER B 38 -16.31 -5.65 9.71
CA SER B 38 -17.28 -4.94 8.87
C SER B 38 -16.53 -4.30 7.70
N VAL B 39 -17.17 -4.27 6.53
CA VAL B 39 -16.51 -3.79 5.31
C VAL B 39 -17.36 -2.76 4.57
N TYR B 40 -16.69 -1.74 4.03
CA TYR B 40 -17.33 -0.75 3.18
C TYR B 40 -16.77 -0.87 1.76
N PHE B 41 -17.58 -0.60 0.75
CA PHE B 41 -17.09 -0.57 -0.63
C PHE B 41 -17.41 0.76 -1.30
N TYR B 42 -16.42 1.33 -1.99
CA TYR B 42 -16.59 2.60 -2.69
C TYR B 42 -16.21 2.51 -4.16
N ARG B 43 -17.00 3.15 -5.01
CA ARG B 43 -16.68 3.26 -6.43
C ARG B 43 -15.87 4.54 -6.67
N PRO B 44 -15.01 4.55 -7.70
CA PRO B 44 -14.23 5.75 -8.01
C PRO B 44 -15.12 6.92 -8.39
N SER B 45 -14.87 8.08 -7.82
CA SER B 45 -15.65 9.28 -8.12
C SER B 45 -15.08 9.99 -9.35
N GLY B 46 -13.79 9.81 -9.57
CA GLY B 46 -13.11 10.46 -10.67
C GLY B 46 -12.05 11.42 -10.20
N ALA B 47 -11.99 11.63 -8.89
CA ALA B 47 -11.03 12.55 -8.29
C ALA B 47 -9.61 12.01 -8.43
N ASP B 48 -8.63 12.92 -8.41
CA ASP B 48 -7.24 12.54 -8.53
C ASP B 48 -6.67 12.05 -7.20
N ASN B 49 -7.36 12.37 -6.12
CA ASN B 49 -6.90 11.98 -4.78
C ASN B 49 -7.86 11.01 -4.10
N PHE B 50 -8.43 10.10 -4.88
CA PHE B 50 -9.42 9.14 -4.38
C PHE B 50 -8.91 8.39 -3.16
N PHE B 51 -9.53 8.65 -2.02
CA PHE B 51 -9.14 8.07 -0.73
C PHE B 51 -7.67 8.28 -0.42
N ASP B 52 -7.25 9.54 -0.42
CA ASP B 52 -5.90 9.93 -0.04
C ASP B 52 -5.64 9.51 1.40
N THR B 53 -4.69 8.60 1.59
CA THR B 53 -4.45 8.01 2.90
C THR B 53 -4.00 9.03 3.94
N ALA B 54 -3.32 10.08 3.49
CA ALA B 54 -2.89 11.14 4.40
C ALA B 54 -4.09 11.89 4.96
N VAL B 55 -5.10 12.09 4.12
CA VAL B 55 -6.34 12.73 4.54
C VAL B 55 -7.09 11.84 5.53
N MET B 56 -7.15 10.55 5.20
CA MET B 56 -7.82 9.58 6.05
C MET B 56 -7.19 9.49 7.43
N LYS B 57 -5.87 9.39 7.47
CA LYS B 57 -5.15 9.23 8.73
C LYS B 57 -5.19 10.50 9.59
N ALA B 58 -5.16 11.65 8.94
CA ALA B 58 -5.25 12.92 9.66
C ALA B 58 -6.59 13.06 10.35
N ALA B 59 -7.67 12.80 9.61
CA ALA B 59 -9.01 12.84 10.17
C ALA B 59 -9.19 11.76 11.24
N LEU B 60 -8.51 10.64 11.05
CA LEU B 60 -8.54 9.55 12.02
C LEU B 60 -7.91 9.99 13.34
N GLY B 61 -6.81 10.73 13.25
CA GLY B 61 -6.13 11.24 14.41
C GLY B 61 -6.98 12.23 15.19
N ARG B 62 -7.71 13.07 14.46
N ARG B 62 -7.71 13.07 14.46
CA ARG B 62 -8.60 14.05 15.08
CA ARG B 62 -8.60 14.05 15.08
C ARG B 62 -9.73 13.36 15.82
C ARG B 62 -9.74 13.37 15.81
N ALA B 63 -10.35 12.38 15.17
CA ALA B 63 -11.48 11.66 15.73
C ALA B 63 -11.10 10.88 16.98
N LEU B 64 -9.85 10.42 17.04
CA LEU B 64 -9.39 9.63 18.17
C LEU B 64 -9.08 10.49 19.39
N VAL B 65 -9.27 11.80 19.26
CA VAL B 65 -9.10 12.70 20.41
C VAL B 65 -10.33 12.63 21.31
N SER B 66 -11.51 12.71 20.70
CA SER B 66 -12.75 12.59 21.45
C SER B 66 -13.08 11.12 21.70
N PHE B 67 -12.65 10.26 20.78
CA PHE B 67 -12.82 8.82 20.92
C PHE B 67 -11.54 8.15 21.40
N TYR B 68 -10.89 8.75 22.40
CA TYR B 68 -9.61 8.25 22.89
C TYR B 68 -9.59 6.81 23.44
N PRO B 69 -10.73 6.28 23.94
CA PRO B 69 -10.63 4.87 24.33
C PRO B 69 -10.36 3.93 23.16
N MET B 70 -10.73 4.35 21.95
CA MET B 70 -10.55 3.51 20.77
C MET B 70 -9.07 3.27 20.47
N ALA B 71 -8.23 4.23 20.87
CA ALA B 71 -6.79 4.13 20.63
C ALA B 71 -6.06 3.51 21.82
N GLY B 72 -6.81 2.95 22.75
CA GLY B 72 -6.24 2.38 23.96
C GLY B 72 -5.90 0.90 23.84
N ARG B 73 -5.68 0.26 24.99
CA ARG B 73 -5.33 -1.16 25.04
C ARG B 73 -6.10 -1.86 26.15
N LEU B 74 -6.39 -3.14 25.95
CA LEU B 74 -7.05 -3.94 26.98
C LEU B 74 -6.10 -4.25 28.12
N LYS B 75 -6.65 -4.42 29.31
CA LYS B 75 -5.91 -4.91 30.46
C LYS B 75 -6.86 -5.28 31.58
N ARG B 76 -6.34 -5.99 32.58
CA ARG B 76 -7.15 -6.43 33.71
C ARG B 76 -6.79 -5.62 34.95
N ASP B 77 -7.80 -5.27 35.74
CA ASP B 77 -7.57 -4.48 36.94
C ASP B 77 -7.11 -5.37 38.10
N GLU B 78 -7.15 -4.82 39.30
CA GLU B 78 -6.64 -5.52 40.47
C GLU B 78 -7.54 -6.68 40.91
N ASP B 79 -8.74 -6.75 40.34
CA ASP B 79 -9.65 -7.85 40.64
C ASP B 79 -9.75 -8.83 39.47
N GLY B 80 -8.92 -8.61 38.46
CA GLY B 80 -8.89 -9.50 37.30
C GLY B 80 -9.96 -9.16 36.27
N ARG B 81 -10.60 -8.01 36.45
CA ARG B 81 -11.65 -7.58 35.54
C ARG B 81 -11.08 -6.82 34.35
N VAL B 82 -11.51 -7.17 33.15
CA VAL B 82 -11.01 -6.50 31.95
C VAL B 82 -11.46 -5.05 31.87
N GLU B 83 -10.51 -4.16 31.64
CA GLU B 83 -10.80 -2.75 31.46
C GLU B 83 -10.01 -2.19 30.28
N ILE B 84 -10.27 -0.95 29.91
CA ILE B 84 -9.56 -0.33 28.80
C ILE B 84 -8.51 0.66 29.29
N ASP B 85 -7.25 0.33 29.08
CA ASP B 85 -6.17 1.24 29.39
C ASP B 85 -6.09 2.31 28.30
N CYS B 86 -6.62 3.48 28.60
CA CYS B 86 -6.56 4.59 27.67
C CYS B 86 -5.18 5.24 27.70
N ASN B 87 -4.25 4.68 26.92
CA ASN B 87 -2.87 5.13 26.93
C ASN B 87 -2.39 5.65 25.57
N ALA B 88 -3.27 5.58 24.57
CA ALA B 88 -3.05 6.19 23.26
C ALA B 88 -1.83 5.66 22.49
N GLU B 89 -1.74 4.34 22.31
CA GLU B 89 -0.74 3.75 21.41
C GLU B 89 -1.23 3.86 19.98
N GLY B 90 -2.55 4.01 19.83
CA GLY B 90 -3.15 4.23 18.54
C GLY B 90 -3.79 3.00 17.92
N VAL B 91 -4.63 3.23 16.92
CA VAL B 91 -5.26 2.16 16.17
C VAL B 91 -4.35 1.78 15.01
N LEU B 92 -4.64 0.65 14.37
CA LEU B 92 -3.84 0.20 13.24
C LEU B 92 -4.46 0.64 11.92
N PHE B 93 -3.67 1.32 11.11
CA PHE B 93 -4.09 1.70 9.76
C PHE B 93 -3.24 0.97 8.73
N VAL B 94 -3.88 0.25 7.83
CA VAL B 94 -3.17 -0.52 6.81
C VAL B 94 -3.59 -0.10 5.41
N GLU B 95 -2.61 0.22 4.58
CA GLU B 95 -2.85 0.46 3.17
C GLU B 95 -2.49 -0.79 2.37
N ALA B 96 -3.43 -1.27 1.56
CA ALA B 96 -3.19 -2.48 0.79
C ALA B 96 -3.65 -2.31 -0.66
N GLU B 97 -3.20 -3.21 -1.53
CA GLU B 97 -3.60 -3.20 -2.92
C GLU B 97 -4.03 -4.58 -3.37
N SER B 98 -5.01 -4.63 -4.27
CA SER B 98 -5.54 -5.89 -4.77
C SER B 98 -5.33 -6.01 -6.27
N ASP B 99 -5.07 -7.23 -6.73
CA ASP B 99 -4.92 -7.48 -8.16
C ASP B 99 -6.27 -7.83 -8.77
N GLY B 100 -7.31 -7.76 -7.93
CA GLY B 100 -8.67 -7.98 -8.38
C GLY B 100 -9.46 -6.68 -8.41
N THR B 101 -10.78 -6.79 -8.60
CA THR B 101 -11.63 -5.62 -8.67
C THR B 101 -12.76 -5.68 -7.64
N VAL B 102 -13.49 -4.58 -7.51
CA VAL B 102 -14.66 -4.54 -6.64
C VAL B 102 -15.73 -5.49 -7.16
N ASP B 103 -15.88 -5.53 -8.48
CA ASP B 103 -16.87 -6.38 -9.14
C ASP B 103 -16.70 -7.87 -8.82
N ASP B 104 -15.50 -8.26 -8.39
CA ASP B 104 -15.23 -9.64 -8.05
C ASP B 104 -16.08 -10.13 -6.88
N TYR B 105 -16.62 -9.19 -6.11
CA TYR B 105 -17.41 -9.53 -4.93
C TYR B 105 -18.90 -9.65 -5.25
N GLY B 106 -19.25 -9.33 -6.49
CA GLY B 106 -20.62 -9.48 -6.97
C GLY B 106 -21.66 -8.70 -6.17
N ASP B 107 -22.58 -9.43 -5.55
CA ASP B 107 -23.66 -8.82 -4.77
C ASP B 107 -23.23 -8.55 -3.33
N PHE B 108 -21.93 -8.76 -3.07
CA PHE B 108 -21.35 -8.53 -1.75
C PHE B 108 -21.97 -9.41 -0.66
N ALA B 109 -22.26 -10.66 -1.01
CA ALA B 109 -22.68 -11.62 -0.01
C ALA B 109 -21.55 -11.83 0.98
N PRO B 110 -21.79 -11.51 2.26
CA PRO B 110 -20.73 -11.47 3.27
C PRO B 110 -20.10 -12.82 3.58
N SER B 111 -19.47 -13.44 2.58
CA SER B 111 -18.73 -14.68 2.82
C SER B 111 -17.39 -14.35 3.50
N LEU B 112 -16.68 -15.38 3.91
CA LEU B 112 -15.46 -15.21 4.71
C LEU B 112 -14.30 -14.58 3.94
N GLU B 113 -14.45 -14.42 2.63
CA GLU B 113 -13.38 -13.84 1.82
C GLU B 113 -13.30 -12.33 1.99
N LEU B 114 -14.26 -11.76 2.74
CA LEU B 114 -14.21 -10.35 3.08
C LEU B 114 -13.22 -10.11 4.22
N ARG B 115 -12.82 -11.20 4.88
CA ARG B 115 -11.86 -11.12 5.98
C ARG B 115 -10.48 -10.67 5.51
N ARG B 116 -10.20 -10.89 4.23
CA ARG B 116 -8.93 -10.48 3.64
C ARG B 116 -8.81 -8.96 3.57
N LEU B 117 -9.96 -8.29 3.66
CA LEU B 117 -10.01 -6.84 3.57
C LEU B 117 -9.93 -6.19 4.94
N ILE B 118 -9.61 -7.00 5.95
CA ILE B 118 -9.52 -6.56 7.33
C ILE B 118 -8.24 -7.13 7.93
N PRO B 119 -7.46 -6.29 8.63
CA PRO B 119 -6.19 -6.74 9.22
C PRO B 119 -6.36 -7.88 10.22
N ALA B 120 -5.52 -8.89 10.11
CA ALA B 120 -5.58 -10.03 11.03
C ALA B 120 -4.86 -9.71 12.33
N VAL B 121 -5.45 -10.15 13.43
CA VAL B 121 -4.90 -9.86 14.76
C VAL B 121 -4.42 -11.13 15.45
N ASP B 122 -3.20 -11.09 15.97
CA ASP B 122 -2.65 -12.21 16.72
C ASP B 122 -3.09 -12.16 18.18
N TYR B 123 -4.00 -13.05 18.55
CA TYR B 123 -4.58 -13.04 19.89
C TYR B 123 -3.80 -13.93 20.86
N SER B 124 -2.63 -14.40 20.45
CA SER B 124 -1.88 -15.37 21.24
C SER B 124 -0.79 -14.72 22.09
N GLN B 125 -0.67 -13.40 22.01
CA GLN B 125 0.37 -12.70 22.76
C GLN B 125 -0.21 -11.85 23.88
N GLY B 126 -1.36 -12.27 24.41
CA GLY B 126 -2.01 -11.54 25.48
C GLY B 126 -3.03 -10.54 24.95
N ILE B 127 -3.92 -10.10 25.84
CA ILE B 127 -5.01 -9.21 25.44
C ILE B 127 -4.57 -7.75 25.31
N SER B 128 -3.35 -7.45 25.76
CA SER B 128 -2.86 -6.08 25.75
C SER B 128 -1.90 -5.81 24.59
N ALA B 129 -1.71 -6.81 23.73
CA ALA B 129 -0.68 -6.73 22.69
C ALA B 129 -1.20 -6.17 21.37
N TYR B 130 -2.51 -6.00 21.25
CA TYR B 130 -3.11 -5.54 20.00
C TYR B 130 -4.00 -4.32 20.17
N PRO B 131 -4.10 -3.48 19.13
CA PRO B 131 -5.00 -2.32 19.16
C PRO B 131 -6.46 -2.76 19.25
N LEU B 132 -7.32 -1.88 19.75
CA LEU B 132 -8.73 -2.17 19.88
C LEU B 132 -9.45 -2.02 18.55
N LEU B 133 -8.82 -1.31 17.62
CA LEU B 133 -9.39 -1.06 16.31
C LEU B 133 -8.37 -1.25 15.20
N VAL B 134 -8.68 -2.09 14.23
CA VAL B 134 -7.80 -2.29 13.08
C VAL B 134 -8.50 -1.87 11.79
N LEU B 135 -7.80 -1.09 10.99
CA LEU B 135 -8.37 -0.53 9.77
C LEU B 135 -7.54 -0.89 8.55
N GLN B 136 -8.20 -1.14 7.43
CA GLN B 136 -7.49 -1.41 6.19
C GLN B 136 -8.17 -0.76 5.00
N VAL B 137 -7.44 0.13 4.34
CA VAL B 137 -7.91 0.72 3.10
C VAL B 137 -7.29 -0.03 1.93
N THR B 138 -8.10 -0.82 1.24
CA THR B 138 -7.62 -1.62 0.13
C THR B 138 -7.95 -0.96 -1.21
N PHE B 139 -6.92 -0.74 -2.02
CA PHE B 139 -7.09 -0.15 -3.34
C PHE B 139 -7.15 -1.25 -4.41
N PHE B 140 -8.23 -1.28 -5.18
CA PHE B 140 -8.43 -2.33 -6.16
C PHE B 140 -7.92 -1.92 -7.55
N LYS B 141 -7.81 -2.91 -8.43
CA LYS B 141 -7.29 -2.70 -9.78
C LYS B 141 -8.21 -1.81 -10.60
N CYS B 142 -9.50 -1.83 -10.27
CA CYS B 142 -10.49 -1.05 -11.01
C CYS B 142 -10.52 0.41 -10.57
N GLY B 143 -9.83 0.71 -9.47
CA GLY B 143 -9.82 2.05 -8.93
C GLY B 143 -10.68 2.15 -7.69
N GLY B 144 -11.46 1.11 -7.44
CA GLY B 144 -12.33 1.08 -6.28
C GLY B 144 -11.55 0.91 -4.99
N VAL B 145 -12.22 1.11 -3.86
CA VAL B 145 -11.59 1.06 -2.56
C VAL B 145 -12.51 0.38 -1.55
N SER B 146 -11.94 -0.46 -0.70
CA SER B 146 -12.68 -1.04 0.41
C SER B 146 -12.11 -0.56 1.74
N LEU B 147 -12.99 -0.23 2.68
CA LEU B 147 -12.58 0.07 4.04
C LEU B 147 -12.95 -1.09 4.95
N GLY B 148 -11.95 -1.80 5.45
CA GLY B 148 -12.18 -2.93 6.33
C GLY B 148 -11.99 -2.56 7.78
N VAL B 149 -12.96 -2.90 8.61
CA VAL B 149 -12.94 -2.50 10.01
C VAL B 149 -12.99 -3.71 10.95
N GLY B 150 -12.08 -3.73 11.91
CA GLY B 150 -12.09 -4.73 12.96
C GLY B 150 -12.06 -4.06 14.31
N MET B 151 -13.15 -4.16 15.05
CA MET B 151 -13.25 -3.47 16.34
C MET B 151 -13.45 -4.42 17.51
N GLN B 152 -12.58 -4.29 18.51
CA GLN B 152 -12.69 -5.05 19.74
C GLN B 152 -13.92 -4.58 20.50
N HIS B 153 -14.89 -5.48 20.67
CA HIS B 153 -16.18 -5.11 21.22
C HIS B 153 -16.11 -4.83 22.72
N HIS B 154 -14.93 -5.09 23.29
CA HIS B 154 -14.53 -4.64 24.62
C HIS B 154 -14.60 -3.11 24.67
N ALA B 155 -14.41 -2.47 23.51
CA ALA B 155 -14.41 -1.02 23.46
C ALA B 155 -15.84 -0.51 23.44
N ALA B 156 -16.61 -0.98 22.47
CA ALA B 156 -17.99 -0.56 22.34
C ALA B 156 -18.74 -1.48 21.38
N ASP B 157 -20.05 -1.28 21.27
CA ASP B 157 -20.86 -2.07 20.34
C ASP B 157 -20.81 -1.46 18.94
N GLY B 158 -21.46 -2.11 17.99
CA GLY B 158 -21.48 -1.65 16.62
C GLY B 158 -22.09 -0.28 16.45
N PHE B 159 -22.98 0.09 17.37
CA PHE B 159 -23.65 1.38 17.33
C PHE B 159 -22.66 2.52 17.57
N SER B 160 -21.88 2.40 18.64
CA SER B 160 -20.86 3.39 18.95
C SER B 160 -19.69 3.33 17.97
N GLY B 161 -19.44 2.15 17.42
CA GLY B 161 -18.41 1.98 16.40
C GLY B 161 -18.81 2.69 15.13
N LEU B 162 -20.09 2.60 14.79
CA LEU B 162 -20.63 3.28 13.62
C LEU B 162 -20.53 4.79 13.82
N HIS B 163 -20.79 5.23 15.05
CA HIS B 163 -20.68 6.63 15.44
C HIS B 163 -19.26 7.13 15.19
N PHE B 164 -18.28 6.30 15.51
CA PHE B 164 -16.88 6.64 15.32
C PHE B 164 -16.53 6.81 13.84
N ILE B 165 -16.88 5.82 13.03
CA ILE B 165 -16.57 5.83 11.61
C ILE B 165 -17.20 7.01 10.88
N ASN B 166 -18.48 7.26 11.18
CA ASN B 166 -19.18 8.39 10.57
C ASN B 166 -18.60 9.73 11.00
N THR B 167 -18.11 9.80 12.24
CA THR B 167 -17.45 11.01 12.72
C THR B 167 -16.09 11.17 12.05
N TRP B 168 -15.40 10.05 11.87
CA TRP B 168 -14.13 10.01 11.17
C TRP B 168 -14.29 10.56 9.75
N SER B 169 -15.33 10.10 9.06
CA SER B 169 -15.59 10.53 7.69
C SER B 169 -15.99 12.00 7.64
N ASP B 170 -16.72 12.46 8.65
CA ASP B 170 -17.12 13.85 8.73
C ASP B 170 -15.88 14.75 8.78
N MET B 171 -14.93 14.37 9.61
CA MET B 171 -13.70 15.16 9.79
C MET B 171 -12.83 15.13 8.54
N ALA B 172 -12.92 14.04 7.78
CA ALA B 172 -12.19 13.94 6.51
C ALA B 172 -12.77 14.91 5.49
N ARG B 173 -14.03 15.27 5.68
CA ARG B 173 -14.69 16.26 4.83
C ARG B 173 -14.56 17.66 5.43
N GLY B 174 -13.78 17.77 6.51
CA GLY B 174 -13.48 19.05 7.12
C GLY B 174 -14.50 19.51 8.14
N LEU B 175 -15.39 18.61 8.55
CA LEU B 175 -16.43 18.96 9.50
C LEU B 175 -15.97 18.84 10.95
N ASP B 176 -16.61 19.60 11.83
CA ASP B 176 -16.41 19.43 13.27
C ASP B 176 -17.36 18.36 13.77
N ILE B 177 -17.15 17.91 15.00
CA ILE B 177 -17.96 16.83 15.55
C ILE B 177 -19.39 17.31 15.81
N THR B 178 -20.36 16.49 15.41
CA THR B 178 -21.76 16.84 15.56
C THR B 178 -22.30 16.27 16.85
N LEU B 179 -21.95 15.02 17.12
CA LEU B 179 -22.34 14.35 18.35
C LEU B 179 -21.11 13.92 19.14
N PRO B 180 -20.68 14.76 20.09
CA PRO B 180 -19.57 14.41 20.98
C PRO B 180 -19.90 13.18 21.82
N PRO B 181 -18.97 12.21 21.88
CA PRO B 181 -19.22 10.96 22.61
C PRO B 181 -19.24 11.14 24.11
N PHE B 182 -20.17 10.46 24.77
CA PHE B 182 -20.22 10.40 26.22
C PHE B 182 -19.47 9.15 26.68
N ILE B 183 -18.51 9.31 27.57
CA ILE B 183 -17.65 8.21 27.96
C ILE B 183 -17.68 7.95 29.46
N ASP B 184 -18.54 7.00 29.86
CA ASP B 184 -18.69 6.59 31.26
C ASP B 184 -19.64 5.40 31.36
N ARG B 185 -19.08 4.20 31.53
CA ARG B 185 -19.88 2.98 31.54
C ARG B 185 -20.44 2.63 32.91
N THR B 186 -20.08 3.42 33.93
CA THR B 186 -20.56 3.19 35.28
C THR B 186 -22.07 3.43 35.40
N LEU B 187 -22.63 4.02 34.35
CA LEU B 187 -24.07 4.22 34.27
C LEU B 187 -24.79 2.88 34.15
N LEU B 188 -24.07 1.87 33.68
CA LEU B 188 -24.61 0.53 33.53
C LEU B 188 -24.08 -0.42 34.60
N SER B 189 -23.70 0.14 35.74
CA SER B 189 -23.30 -0.68 36.89
C SER B 189 -24.53 -1.36 37.49
N ALA B 190 -24.36 -2.61 37.92
CA ALA B 190 -25.44 -3.35 38.56
C ALA B 190 -25.79 -2.74 39.90
N ARG B 191 -26.99 -3.01 40.39
CA ARG B 191 -27.45 -2.48 41.66
C ARG B 191 -26.74 -3.14 42.84
N ASP B 192 -26.70 -2.46 43.97
CA ASP B 192 -26.09 -2.99 45.20
C ASP B 192 -27.12 -3.05 46.33
N PRO B 193 -27.54 -4.27 46.71
CA PRO B 193 -27.09 -5.55 46.16
C PRO B 193 -27.80 -5.89 44.85
N PRO B 194 -27.19 -6.78 44.04
CA PRO B 194 -27.81 -7.20 42.78
C PRO B 194 -29.08 -8.02 43.02
N GLN B 195 -30.21 -7.52 42.55
CA GLN B 195 -31.47 -8.20 42.73
C GLN B 195 -32.16 -8.46 41.39
N PRO B 196 -31.85 -9.60 40.76
CA PRO B 196 -32.49 -10.01 39.51
C PRO B 196 -33.97 -10.33 39.73
N GLN B 197 -34.81 -9.96 38.77
CA GLN B 197 -36.25 -10.19 38.88
C GLN B 197 -36.67 -11.42 38.08
N PHE B 198 -35.99 -11.65 36.98
CA PHE B 198 -36.31 -12.77 36.10
C PHE B 198 -35.17 -13.77 36.09
N LYS B 199 -35.42 -14.97 35.58
CA LYS B 199 -34.35 -15.95 35.41
C LYS B 199 -33.74 -15.81 34.02
N HIS B 200 -34.22 -14.79 33.30
CA HIS B 200 -33.69 -14.39 32.00
C HIS B 200 -33.46 -15.54 31.02
N VAL B 201 -34.53 -15.87 30.30
CA VAL B 201 -34.54 -16.97 29.35
C VAL B 201 -33.44 -16.86 28.27
N GLU B 202 -32.98 -15.64 28.00
CA GLU B 202 -32.00 -15.40 26.96
C GLU B 202 -30.74 -16.24 27.14
N TYR B 203 -30.38 -16.50 28.39
CA TYR B 203 -29.14 -17.21 28.69
C TYR B 203 -29.36 -18.69 28.95
N GLN B 204 -30.59 -19.16 28.75
CA GLN B 204 -30.88 -20.58 28.89
C GLN B 204 -30.47 -21.30 27.61
N PRO B 205 -30.09 -22.59 27.72
CA PRO B 205 -29.68 -23.36 26.54
C PRO B 205 -30.81 -23.51 25.53
N PRO B 206 -30.51 -23.31 24.24
CA PRO B 206 -31.47 -23.35 23.13
C PRO B 206 -31.90 -24.77 22.76
N PRO B 207 -33.01 -24.91 22.02
CA PRO B 207 -33.48 -26.22 21.53
C PRO B 207 -32.45 -26.93 20.66
N ALA B 208 -32.54 -28.26 20.60
CA ALA B 208 -31.58 -29.07 19.86
C ALA B 208 -32.23 -29.83 18.71
N MET B 209 -31.40 -30.35 17.79
CA MET B 209 -31.89 -31.00 16.58
C MET B 209 -31.84 -32.52 16.61
N LYS B 210 -31.78 -33.11 17.80
CA LYS B 210 -31.78 -34.57 17.92
C LYS B 210 -30.47 -35.17 17.45
N THR B 211 -30.13 -34.93 16.18
CA THR B 211 -28.86 -35.36 15.62
C THR B 211 -28.20 -34.21 14.85
N TYR B 212 -26.87 -34.19 14.84
CA TYR B 212 -26.14 -33.16 14.12
C TYR B 212 -25.10 -33.74 13.16
N GLU B 213 -24.74 -32.95 12.16
CA GLU B 213 -23.85 -33.37 11.09
C GLU B 213 -22.71 -32.35 10.96
N PRO B 214 -21.80 -32.53 10.01
CA PRO B 214 -20.63 -31.66 9.95
C PRO B 214 -21.00 -30.18 9.72
N ALA B 215 -21.95 -29.92 8.83
CA ALA B 215 -22.55 -28.59 8.70
C ALA B 215 -21.57 -27.44 8.41
N GLU B 216 -21.55 -26.98 7.17
CA GLU B 216 -20.82 -25.78 6.77
C GLU B 216 -21.79 -24.82 6.07
N THR B 217 -21.79 -23.54 6.42
CA THR B 217 -22.77 -22.65 5.82
C THR B 217 -22.31 -22.10 4.48
N VAL B 218 -23.29 -21.68 3.68
CA VAL B 218 -23.02 -20.82 2.53
C VAL B 218 -23.60 -19.45 2.89
N VAL B 219 -23.01 -18.40 2.35
CA VAL B 219 -23.49 -17.07 2.67
C VAL B 219 -24.05 -16.37 1.43
N SER B 220 -25.32 -15.98 1.50
CA SER B 220 -25.97 -15.31 0.39
C SER B 220 -26.64 -14.02 0.86
N ILE B 221 -27.12 -13.24 -0.11
CA ILE B 221 -27.80 -11.99 0.19
C ILE B 221 -28.94 -11.79 -0.82
N PHE B 222 -30.12 -11.45 -0.33
CA PHE B 222 -31.29 -11.35 -1.17
C PHE B 222 -31.98 -10.00 -1.02
N LYS B 223 -32.32 -9.38 -2.15
CA LYS B 223 -32.97 -8.08 -2.11
C LYS B 223 -34.49 -8.21 -2.14
N LEU B 224 -35.15 -7.46 -1.26
CA LEU B 224 -36.60 -7.36 -1.26
C LEU B 224 -37.01 -5.94 -1.64
N THR B 225 -37.76 -5.81 -2.73
CA THR B 225 -38.15 -4.49 -3.24
C THR B 225 -39.14 -3.78 -2.33
N LYS B 226 -39.34 -2.49 -2.58
CA LYS B 226 -40.30 -1.67 -1.85
C LYS B 226 -41.71 -2.24 -1.97
N ASP B 227 -42.03 -2.77 -3.15
CA ASP B 227 -43.34 -3.35 -3.39
C ASP B 227 -43.52 -4.66 -2.63
N GLN B 228 -42.46 -5.47 -2.61
CA GLN B 228 -42.48 -6.76 -1.93
C GLN B 228 -42.61 -6.60 -0.41
N LEU B 229 -42.06 -5.52 0.12
CA LEU B 229 -42.16 -5.22 1.54
C LEU B 229 -43.55 -4.70 1.88
N THR B 230 -44.17 -4.01 0.92
CA THR B 230 -45.51 -3.49 1.11
C THR B 230 -46.52 -4.64 1.16
N THR B 231 -46.33 -5.62 0.28
CA THR B 231 -47.15 -6.82 0.26
C THR B 231 -47.04 -7.56 1.60
N LEU B 232 -45.81 -7.65 2.11
CA LEU B 232 -45.57 -8.28 3.39
C LEU B 232 -46.22 -7.51 4.53
N LYS B 233 -46.09 -6.19 4.48
CA LYS B 233 -46.65 -5.30 5.48
C LYS B 233 -48.18 -5.36 5.50
N ALA B 234 -48.78 -5.56 4.34
CA ALA B 234 -50.23 -5.57 4.22
C ALA B 234 -50.85 -6.84 4.80
N LYS B 235 -50.02 -7.86 5.00
CA LYS B 235 -50.49 -9.11 5.59
C LYS B 235 -50.10 -9.19 7.06
N THR B 244 -51.63 -4.26 14.90
CA THR B 244 -50.72 -4.13 13.77
C THR B 244 -49.27 -4.30 14.21
N TYR B 245 -48.46 -4.92 13.36
CA TYR B 245 -47.05 -5.11 13.64
C TYR B 245 -46.19 -4.39 12.59
N SER B 246 -45.06 -3.86 13.01
CA SER B 246 -44.22 -3.04 12.14
C SER B 246 -43.54 -3.88 11.06
N SER B 247 -42.95 -3.18 10.09
CA SER B 247 -42.23 -3.83 8.99
C SER B 247 -41.05 -4.63 9.52
N TYR B 248 -40.38 -4.10 10.53
CA TYR B 248 -39.26 -4.76 11.17
C TYR B 248 -39.69 -6.07 11.83
N GLU B 249 -40.81 -6.04 12.54
CA GLU B 249 -41.34 -7.23 13.19
C GLU B 249 -41.86 -8.25 12.18
N MET B 250 -42.44 -7.76 11.10
CA MET B 250 -42.98 -8.63 10.06
C MET B 250 -41.87 -9.29 9.24
N LEU B 251 -40.87 -8.51 8.88
CA LEU B 251 -39.76 -9.01 8.09
C LEU B 251 -38.95 -10.05 8.86
N SER B 252 -38.63 -9.73 10.11
CA SER B 252 -37.91 -10.66 10.97
C SER B 252 -38.68 -11.96 11.14
N GLY B 253 -39.99 -11.84 11.34
CA GLY B 253 -40.85 -13.02 11.46
C GLY B 253 -40.88 -13.81 10.18
N HIS B 254 -40.90 -13.10 9.05
CA HIS B 254 -40.89 -13.72 7.73
C HIS B 254 -39.61 -14.52 7.52
N VAL B 255 -38.48 -13.89 7.85
CA VAL B 255 -37.17 -14.54 7.73
C VAL B 255 -37.08 -15.76 8.64
N TRP B 256 -37.59 -15.62 9.87
CA TRP B 256 -37.62 -16.70 10.85
C TRP B 256 -38.42 -17.89 10.33
N ARG B 257 -39.63 -17.61 9.86
CA ARG B 257 -40.52 -18.63 9.33
C ARG B 257 -39.91 -19.32 8.11
N CYS B 258 -39.38 -18.53 7.19
CA CYS B 258 -38.72 -19.06 5.99
C CYS B 258 -37.56 -19.99 6.35
N THR B 259 -36.78 -19.59 7.34
CA THR B 259 -35.63 -20.37 7.78
C THR B 259 -36.05 -21.74 8.31
N CYS B 260 -37.15 -21.77 9.06
CA CYS B 260 -37.66 -23.03 9.61
C CYS B 260 -38.09 -23.98 8.50
N LEU B 261 -38.81 -23.45 7.52
CA LEU B 261 -39.30 -24.25 6.40
C LEU B 261 -38.16 -24.71 5.50
N ALA B 262 -37.20 -23.82 5.27
CA ALA B 262 -36.04 -24.13 4.43
C ALA B 262 -35.19 -25.24 5.04
N ARG B 263 -35.14 -25.28 6.37
CA ARG B 263 -34.36 -26.27 7.08
C ARG B 263 -35.08 -27.61 7.17
N GLY B 264 -36.34 -27.62 6.74
CA GLY B 264 -37.14 -28.83 6.77
C GLY B 264 -37.33 -29.37 8.18
N LEU B 265 -37.57 -28.47 9.12
CA LEU B 265 -37.73 -28.85 10.52
C LEU B 265 -39.00 -29.64 10.73
N PRO B 266 -38.93 -30.66 11.60
CA PRO B 266 -40.11 -31.43 11.99
C PRO B 266 -41.18 -30.52 12.57
N GLU B 267 -42.45 -30.92 12.45
CA GLU B 267 -43.58 -30.14 12.93
C GLU B 267 -43.45 -29.76 14.40
N GLU B 268 -42.82 -30.63 15.18
CA GLU B 268 -42.78 -30.45 16.63
C GLU B 268 -41.48 -29.81 17.10
N GLN B 269 -40.53 -29.65 16.19
CA GLN B 269 -39.23 -29.09 16.56
C GLN B 269 -39.36 -27.66 17.08
N GLU B 270 -38.78 -27.40 18.23
CA GLU B 270 -38.78 -26.06 18.82
C GLU B 270 -37.69 -25.20 18.19
N THR B 271 -38.00 -23.92 18.00
CA THR B 271 -37.02 -22.97 17.47
C THR B 271 -36.91 -21.75 18.38
N LYS B 272 -35.71 -21.20 18.47
CA LYS B 272 -35.45 -20.02 19.28
C LYS B 272 -34.79 -18.94 18.42
N LEU B 273 -35.39 -17.75 18.40
CA LEU B 273 -34.85 -16.65 17.62
C LEU B 273 -34.11 -15.67 18.51
N TYR B 274 -32.89 -15.31 18.11
CA TYR B 274 -32.11 -14.35 18.87
C TYR B 274 -32.09 -13.01 18.15
N ILE B 275 -32.65 -11.99 18.82
CA ILE B 275 -32.80 -10.68 18.21
C ILE B 275 -31.97 -9.64 18.94
N ALA B 276 -30.96 -9.12 18.26
CA ALA B 276 -30.18 -8.01 18.80
C ALA B 276 -31.05 -6.77 18.90
N THR B 277 -31.08 -6.16 20.08
CA THR B 277 -31.89 -4.97 20.31
C THR B 277 -31.12 -3.97 21.16
N ASP B 278 -31.31 -2.68 20.87
CA ASP B 278 -30.52 -1.63 21.54
C ASP B 278 -31.19 -1.15 22.81
N GLY B 279 -30.50 -1.31 23.93
CA GLY B 279 -31.00 -0.88 25.23
C GLY B 279 -30.99 0.63 25.43
N ARG B 280 -30.33 1.34 24.53
CA ARG B 280 -30.29 2.81 24.58
C ARG B 280 -31.68 3.42 24.55
N SER B 281 -32.63 2.66 24.01
CA SER B 281 -33.99 3.14 23.82
C SER B 281 -34.87 2.94 25.04
N ARG B 282 -34.54 1.94 25.85
CA ARG B 282 -35.42 1.54 26.95
C ARG B 282 -34.85 1.86 28.34
N LEU B 283 -33.54 2.02 28.44
CA LEU B 283 -32.89 2.25 29.72
C LEU B 283 -33.26 3.60 30.34
N GLN B 284 -33.69 3.56 31.60
CA GLN B 284 -34.07 4.77 32.32
C GLN B 284 -33.22 4.95 33.58
N PRO B 285 -32.71 6.18 33.80
CA PRO B 285 -32.89 7.34 32.93
C PRO B 285 -32.03 7.25 31.67
N GLN B 286 -32.47 7.90 30.61
CA GLN B 286 -31.84 7.84 29.30
C GLN B 286 -30.32 7.99 29.32
N LEU B 287 -29.64 7.12 28.60
CA LEU B 287 -28.21 7.27 28.39
C LEU B 287 -27.96 8.54 27.60
N PRO B 288 -26.91 9.30 27.97
CA PRO B 288 -26.53 10.53 27.27
C PRO B 288 -26.31 10.29 25.79
N PRO B 289 -26.57 11.31 24.95
CA PRO B 289 -26.34 11.19 23.51
C PRO B 289 -24.87 10.94 23.20
N GLY B 290 -24.58 9.89 22.45
CA GLY B 290 -23.22 9.55 22.09
C GLY B 290 -22.55 8.67 23.13
N TYR B 291 -23.36 8.00 23.95
CA TYR B 291 -22.86 7.05 24.94
C TYR B 291 -21.91 6.06 24.26
N PHE B 292 -20.73 5.87 24.84
CA PHE B 292 -19.70 5.04 24.24
C PHE B 292 -19.47 3.75 25.04
N GLY B 293 -19.95 2.64 24.49
CA GLY B 293 -19.82 1.34 25.13
C GLY B 293 -20.79 0.34 24.53
N ASN B 294 -20.99 -0.77 25.25
CA ASN B 294 -21.94 -1.80 24.81
C ASN B 294 -23.30 -1.64 25.48
N VAL B 295 -24.36 -1.56 24.67
CA VAL B 295 -25.71 -1.43 25.19
C VAL B 295 -26.66 -2.38 24.45
N ILE B 296 -26.07 -3.28 23.67
CA ILE B 296 -26.87 -4.22 22.88
C ILE B 296 -27.28 -5.42 23.70
N PHE B 297 -28.59 -5.67 23.78
CA PHE B 297 -29.14 -6.83 24.46
C PHE B 297 -29.75 -7.78 23.45
N THR B 298 -30.39 -8.84 23.94
CA THR B 298 -30.93 -9.86 23.05
C THR B 298 -32.33 -10.32 23.46
N ALA B 299 -33.29 -10.19 22.53
CA ALA B 299 -34.63 -10.73 22.74
C ALA B 299 -34.69 -12.13 22.15
N THR B 300 -35.27 -13.06 22.91
CA THR B 300 -35.26 -14.47 22.52
C THR B 300 -36.64 -15.12 22.57
N PRO B 301 -37.47 -14.83 21.55
CA PRO B 301 -38.78 -15.51 21.46
C PRO B 301 -38.63 -16.99 21.15
N LEU B 302 -39.60 -17.80 21.58
CA LEU B 302 -39.57 -19.23 21.35
C LEU B 302 -40.82 -19.66 20.59
N ALA B 303 -40.70 -20.68 19.76
CA ALA B 303 -41.84 -21.16 18.98
C ALA B 303 -41.68 -22.61 18.55
N VAL B 304 -42.74 -23.14 17.92
CA VAL B 304 -42.71 -24.47 17.34
C VAL B 304 -42.69 -24.36 15.82
N ALA B 305 -41.84 -25.15 15.18
CA ALA B 305 -41.66 -25.07 13.73
C ALA B 305 -42.97 -25.24 12.97
N GLY B 306 -43.76 -26.22 13.37
CA GLY B 306 -45.04 -26.49 12.74
C GLY B 306 -46.02 -25.33 12.90
N ASP B 307 -45.92 -24.63 14.03
CA ASP B 307 -46.78 -23.48 14.28
C ASP B 307 -46.40 -22.31 13.39
N LEU B 308 -45.11 -21.98 13.35
CA LEU B 308 -44.61 -20.91 12.49
C LEU B 308 -44.95 -21.18 11.03
N GLY B 309 -44.75 -22.43 10.60
CA GLY B 309 -44.94 -22.80 9.22
C GLY B 309 -46.37 -22.73 8.73
N SER B 310 -47.32 -23.10 9.58
CA SER B 310 -48.71 -23.21 9.17
C SER B 310 -49.55 -22.00 9.55
N LYS B 311 -48.93 -21.04 10.21
CA LYS B 311 -49.63 -19.82 10.59
C LYS B 311 -49.08 -18.63 9.82
N PRO B 312 -49.87 -17.55 9.71
CA PRO B 312 -49.40 -16.37 8.99
C PRO B 312 -48.16 -15.75 9.63
N VAL B 313 -47.52 -14.84 8.91
CA VAL B 313 -46.30 -14.21 9.38
C VAL B 313 -46.52 -13.42 10.67
N TRP B 314 -47.70 -12.80 10.81
CA TRP B 314 -47.97 -11.95 11.97
C TRP B 314 -47.91 -12.75 13.28
N TYR B 315 -48.06 -14.06 13.18
CA TYR B 315 -47.90 -14.93 14.34
C TYR B 315 -46.44 -14.89 14.81
N ALA B 316 -45.52 -15.06 13.87
CA ALA B 316 -44.10 -14.96 14.17
C ALA B 316 -43.75 -13.53 14.61
N ALA B 317 -44.39 -12.56 13.97
CA ALA B 317 -44.19 -11.16 14.32
C ALA B 317 -44.66 -10.86 15.74
N SER B 318 -45.77 -11.47 16.12
CA SER B 318 -46.36 -11.25 17.45
C SER B 318 -45.40 -11.71 18.55
N LYS B 319 -44.81 -12.89 18.37
CA LYS B 319 -43.85 -13.42 19.34
C LYS B 319 -42.63 -12.52 19.45
N ILE B 320 -42.16 -12.01 18.31
CA ILE B 320 -41.06 -11.07 18.29
C ILE B 320 -41.43 -9.79 19.03
N HIS B 321 -42.61 -9.24 18.70
CA HIS B 321 -43.11 -8.03 19.35
C HIS B 321 -43.29 -8.24 20.86
N ASP B 322 -43.80 -9.41 21.23
CA ASP B 322 -44.00 -9.75 22.64
C ASP B 322 -42.67 -9.79 23.39
N ALA B 323 -41.66 -10.39 22.77
CA ALA B 323 -40.35 -10.53 23.40
C ALA B 323 -39.66 -9.19 23.58
N LEU B 324 -39.74 -8.35 22.56
CA LEU B 324 -39.11 -7.03 22.61
C LEU B 324 -39.82 -6.11 23.60
N ALA B 325 -41.14 -6.26 23.70
CA ALA B 325 -41.93 -5.42 24.59
C ALA B 325 -41.60 -5.65 26.07
N ARG B 326 -41.10 -6.84 26.40
CA ARG B 326 -40.74 -7.16 27.77
C ARG B 326 -39.56 -6.35 28.25
N MET B 327 -38.61 -6.14 27.34
CA MET B 327 -37.31 -5.61 27.71
C MET B 327 -37.36 -4.11 27.94
N ASP B 328 -38.09 -3.71 28.98
CA ASP B 328 -38.10 -2.32 29.41
C ASP B 328 -36.93 -2.09 30.35
N ASN B 329 -36.92 -0.95 31.04
CA ASN B 329 -35.83 -0.63 31.94
C ASN B 329 -35.66 -1.67 33.04
N ASP B 330 -36.76 -2.07 33.66
CA ASP B 330 -36.74 -3.05 34.74
C ASP B 330 -36.16 -4.39 34.29
N TYR B 331 -36.44 -4.79 33.06
CA TYR B 331 -35.93 -6.05 32.54
C TYR B 331 -34.42 -5.97 32.30
N LEU B 332 -33.97 -4.84 31.77
CA LEU B 332 -32.56 -4.67 31.47
C LEU B 332 -31.74 -4.49 32.75
N ARG B 333 -32.29 -3.75 33.71
CA ARG B 333 -31.63 -3.58 35.00
C ARG B 333 -31.52 -4.93 35.71
N SER B 334 -32.51 -5.79 35.49
CA SER B 334 -32.49 -7.13 36.05
C SER B 334 -31.37 -7.96 35.41
N ALA B 335 -31.21 -7.81 34.10
CA ALA B 335 -30.20 -8.54 33.36
C ALA B 335 -28.79 -8.15 33.80
N LEU B 336 -28.61 -6.89 34.15
CA LEU B 336 -27.33 -6.40 34.64
C LEU B 336 -27.00 -7.03 35.98
N ASP B 337 -28.00 -7.11 36.86
CA ASP B 337 -27.85 -7.75 38.15
C ASP B 337 -27.64 -9.25 38.00
N PHE B 338 -28.31 -9.84 37.01
CA PHE B 338 -28.17 -11.25 36.70
C PHE B 338 -26.73 -11.58 36.29
N LEU B 339 -26.18 -10.75 35.41
CA LEU B 339 -24.81 -10.93 34.94
C LEU B 339 -23.82 -10.74 36.10
N GLU B 340 -24.17 -9.85 37.03
CA GLU B 340 -23.31 -9.55 38.16
C GLU B 340 -23.07 -10.79 39.03
N LEU B 341 -24.07 -11.66 39.11
CA LEU B 341 -24.00 -12.86 39.93
C LEU B 341 -23.36 -14.03 39.19
N GLN B 342 -23.05 -13.82 37.92
CA GLN B 342 -22.45 -14.87 37.10
C GLN B 342 -20.95 -14.99 37.34
N PRO B 343 -20.46 -16.24 37.42
CA PRO B 343 -19.03 -16.52 37.63
C PRO B 343 -18.19 -16.19 36.40
N ASP B 344 -18.63 -16.62 35.23
CA ASP B 344 -17.86 -16.44 34.00
C ASP B 344 -18.70 -15.78 32.91
N LEU B 345 -18.46 -14.49 32.68
CA LEU B 345 -19.25 -13.71 31.73
C LEU B 345 -18.96 -14.07 30.28
N LYS B 346 -17.78 -14.60 30.02
CA LYS B 346 -17.38 -14.94 28.67
C LYS B 346 -17.95 -16.29 28.25
N ALA B 347 -18.49 -17.02 29.22
CA ALA B 347 -19.14 -18.31 28.95
C ALA B 347 -20.57 -18.10 28.48
N LEU B 348 -21.02 -16.85 28.51
CA LEU B 348 -22.38 -16.52 28.09
C LEU B 348 -22.39 -15.95 26.68
N VAL B 349 -21.20 -15.69 26.13
CA VAL B 349 -21.06 -15.23 24.76
C VAL B 349 -21.55 -16.31 23.81
N ARG B 350 -22.52 -15.98 22.97
CA ARG B 350 -23.11 -16.94 22.06
C ARG B 350 -22.20 -17.22 20.87
N GLY B 351 -22.01 -18.50 20.57
CA GLY B 351 -21.16 -18.90 19.47
C GLY B 351 -21.91 -19.70 18.42
N ALA B 352 -21.17 -20.54 17.69
CA ALA B 352 -21.73 -21.32 16.59
C ALA B 352 -22.87 -22.23 17.05
N HIS B 353 -22.82 -22.66 18.31
CA HIS B 353 -23.80 -23.60 18.84
C HIS B 353 -25.22 -23.05 18.86
N THR B 354 -25.36 -21.79 19.21
CA THR B 354 -26.67 -21.22 19.49
C THR B 354 -27.41 -20.88 18.22
N PHE B 355 -26.69 -20.75 17.12
CA PHE B 355 -27.30 -20.31 15.87
C PHE B 355 -27.43 -21.42 14.84
N ARG B 356 -26.96 -22.61 15.19
CA ARG B 356 -27.20 -23.78 14.35
C ARG B 356 -28.68 -24.05 14.17
N CYS B 357 -28.99 -24.98 13.29
CA CYS B 357 -30.32 -25.58 13.25
C CYS B 357 -30.64 -26.06 14.66
N PRO B 358 -31.87 -25.80 15.14
CA PRO B 358 -33.01 -25.16 14.48
C PRO B 358 -33.14 -23.67 14.77
N ASN B 359 -32.14 -23.09 15.42
CA ASN B 359 -32.23 -21.72 15.89
C ASN B 359 -31.70 -20.70 14.89
N LEU B 360 -31.81 -19.41 15.23
CA LEU B 360 -31.47 -18.35 14.30
C LEU B 360 -31.14 -17.03 15.00
N GLY B 361 -30.15 -16.31 14.47
CA GLY B 361 -29.81 -14.99 14.97
C GLY B 361 -30.06 -13.94 13.91
N ILE B 362 -30.79 -12.89 14.28
CA ILE B 362 -31.11 -11.81 13.34
C ILE B 362 -30.84 -10.43 13.95
N THR B 363 -30.23 -9.56 13.17
CA THR B 363 -30.09 -8.16 13.53
C THR B 363 -30.45 -7.28 12.34
N SER B 364 -30.98 -6.08 12.62
CA SER B 364 -31.39 -5.18 11.57
C SER B 364 -30.61 -3.88 11.59
N TRP B 365 -30.04 -3.52 10.44
CA TRP B 365 -29.36 -2.24 10.29
C TRP B 365 -30.14 -1.35 9.34
N VAL B 366 -31.38 -1.75 9.05
CA VAL B 366 -32.26 -1.05 8.10
C VAL B 366 -32.30 0.45 8.34
N ARG B 367 -32.64 0.84 9.56
CA ARG B 367 -32.62 2.25 9.90
C ARG B 367 -31.42 2.54 10.79
N LEU B 368 -30.25 2.51 10.18
CA LEU B 368 -29.00 2.88 10.84
C LEU B 368 -28.13 3.62 9.84
N PRO B 369 -27.47 4.71 10.27
CA PRO B 369 -26.65 5.52 9.36
C PRO B 369 -25.41 4.79 8.87
N ILE B 370 -25.60 3.70 8.13
CA ILE B 370 -24.48 2.85 7.74
C ILE B 370 -23.81 3.30 6.44
N HIS B 371 -24.54 4.04 5.60
CA HIS B 371 -23.97 4.53 4.35
C HIS B 371 -23.61 6.01 4.47
N ASP B 372 -23.46 6.49 5.69
CA ASP B 372 -23.12 7.89 5.94
C ASP B 372 -21.61 8.12 5.94
N ALA B 373 -20.84 7.06 5.74
CA ALA B 373 -19.39 7.13 5.80
C ALA B 373 -18.79 7.71 4.52
N ASP B 374 -19.11 8.98 4.25
CA ASP B 374 -18.54 9.69 3.10
C ASP B 374 -17.27 10.41 3.53
N PHE B 375 -16.14 9.95 3.02
CA PHE B 375 -14.85 10.54 3.38
C PHE B 375 -14.45 11.67 2.43
N GLY B 376 -15.36 12.02 1.52
CA GLY B 376 -15.12 13.11 0.60
C GLY B 376 -15.23 12.72 -0.86
N TRP B 377 -15.31 11.41 -1.12
CA TRP B 377 -15.37 10.91 -2.48
C TRP B 377 -16.64 10.09 -2.70
N GLY B 378 -17.62 10.28 -1.84
CA GLY B 378 -18.91 9.64 -2.01
C GLY B 378 -19.25 8.67 -0.89
N ARG B 379 -20.53 8.36 -0.78
CA ARG B 379 -21.01 7.38 0.18
C ARG B 379 -20.78 5.98 -0.37
N PRO B 380 -20.64 4.97 0.51
CA PRO B 380 -20.35 3.61 0.06
C PRO B 380 -21.47 3.00 -0.76
N ILE B 381 -21.13 2.09 -1.67
CA ILE B 381 -22.13 1.37 -2.46
C ILE B 381 -22.59 0.14 -1.72
N PHE B 382 -21.90 -0.18 -0.62
CA PHE B 382 -22.26 -1.32 0.21
C PHE B 382 -21.55 -1.25 1.56
N MET B 383 -22.27 -1.64 2.60
CA MET B 383 -21.65 -2.00 3.86
C MET B 383 -22.36 -3.20 4.47
N GLY B 384 -21.60 -4.18 4.89
CA GLY B 384 -22.14 -5.35 5.55
C GLY B 384 -21.13 -5.94 6.50
N PRO B 385 -21.54 -7.00 7.23
CA PRO B 385 -20.61 -7.71 8.11
C PRO B 385 -19.42 -8.24 7.34
N GLY B 386 -18.23 -8.10 7.90
CA GLY B 386 -17.01 -8.54 7.22
C GLY B 386 -16.83 -10.04 7.24
N GLY B 387 -17.81 -10.76 6.71
CA GLY B 387 -17.73 -12.22 6.63
C GLY B 387 -18.42 -12.93 7.77
N ILE B 388 -19.35 -13.80 7.42
CA ILE B 388 -20.06 -14.61 8.42
C ILE B 388 -19.48 -16.03 8.45
N ALA B 389 -19.04 -16.45 9.64
CA ALA B 389 -18.27 -17.68 9.77
C ALA B 389 -19.12 -18.94 9.90
N TYR B 390 -20.27 -18.84 10.57
CA TYR B 390 -21.09 -20.02 10.81
C TYR B 390 -22.57 -19.85 10.48
N GLU B 391 -23.25 -20.98 10.36
CA GLU B 391 -24.65 -21.04 9.98
C GLU B 391 -25.58 -20.39 11.01
N GLY B 392 -26.64 -19.75 10.52
CA GLY B 392 -27.71 -19.29 11.38
C GLY B 392 -27.65 -17.83 11.78
N LEU B 393 -26.89 -17.04 11.03
CA LEU B 393 -26.84 -15.60 11.25
C LEU B 393 -27.43 -14.88 10.05
N SER B 394 -28.15 -13.79 10.32
CA SER B 394 -28.72 -12.99 9.24
C SER B 394 -28.69 -11.50 9.57
N PHE B 395 -28.36 -10.71 8.56
CA PHE B 395 -28.32 -9.26 8.70
C PHE B 395 -29.31 -8.64 7.73
N VAL B 396 -30.11 -7.68 8.21
CA VAL B 396 -31.01 -6.97 7.32
C VAL B 396 -30.43 -5.60 6.99
N LEU B 397 -30.05 -5.42 5.74
CA LEU B 397 -29.33 -4.23 5.30
C LEU B 397 -30.19 -3.32 4.42
N PRO B 398 -30.20 -2.02 4.74
CA PRO B 398 -30.91 -1.03 3.95
C PRO B 398 -30.22 -0.78 2.61
N SER B 399 -30.95 -0.23 1.65
CA SER B 399 -30.37 0.07 0.34
C SER B 399 -29.58 1.36 0.37
N PRO B 400 -28.41 1.36 -0.28
CA PRO B 400 -27.58 2.57 -0.42
C PRO B 400 -28.34 3.68 -1.16
N THR B 401 -29.18 3.31 -2.11
CA THR B 401 -30.01 4.27 -2.82
C THR B 401 -31.41 4.30 -2.21
N ASN B 402 -31.96 5.50 -2.02
CA ASN B 402 -33.25 5.64 -1.36
C ASN B 402 -34.42 5.13 -2.20
N ASP B 403 -34.37 3.86 -2.58
CA ASP B 403 -35.40 3.28 -3.45
C ASP B 403 -36.46 2.50 -2.66
N GLY B 404 -36.18 2.29 -1.38
CA GLY B 404 -37.11 1.61 -0.48
C GLY B 404 -36.82 0.13 -0.27
N SER B 405 -35.92 -0.40 -1.08
CA SER B 405 -35.58 -1.81 -1.00
C SER B 405 -34.68 -2.08 0.18
N LEU B 406 -34.47 -3.37 0.48
CA LEU B 406 -33.47 -3.78 1.46
C LEU B 406 -32.92 -5.16 1.13
N SER B 407 -31.89 -5.57 1.85
CA SER B 407 -31.26 -6.86 1.58
C SER B 407 -31.17 -7.72 2.82
N VAL B 408 -31.50 -9.00 2.67
CA VAL B 408 -31.34 -9.96 3.73
C VAL B 408 -30.11 -10.81 3.47
N ALA B 409 -29.04 -10.51 4.19
CA ALA B 409 -27.84 -11.35 4.15
C ALA B 409 -27.99 -12.42 5.21
N ILE B 410 -27.62 -13.65 4.89
CA ILE B 410 -27.88 -14.77 5.78
C ILE B 410 -26.95 -15.96 5.52
N SER B 411 -26.64 -16.70 6.58
CA SER B 411 -25.80 -17.89 6.49
C SER B 411 -26.60 -19.14 6.82
N LEU B 412 -26.71 -20.04 5.86
CA LEU B 412 -27.42 -21.30 6.03
C LEU B 412 -26.65 -22.43 5.37
N GLN B 413 -27.06 -23.67 5.63
CA GLN B 413 -26.50 -24.81 4.92
C GLN B 413 -26.89 -24.72 3.45
N ALA B 414 -26.04 -25.25 2.58
CA ALA B 414 -26.21 -25.09 1.13
C ALA B 414 -27.56 -25.57 0.63
N GLU B 415 -27.98 -26.76 1.07
CA GLU B 415 -29.24 -27.33 0.61
C GLU B 415 -30.42 -26.50 1.10
N HIS B 416 -30.30 -25.94 2.30
CA HIS B 416 -31.35 -25.12 2.87
C HIS B 416 -31.42 -23.76 2.18
N MET B 417 -30.28 -23.27 1.74
CA MET B 417 -30.20 -21.94 1.13
C MET B 417 -30.98 -21.87 -0.18
N LYS B 418 -30.95 -22.94 -0.94
CA LYS B 418 -31.68 -23.00 -2.21
C LYS B 418 -33.18 -22.87 -1.96
N LEU B 419 -33.66 -23.57 -0.95
CA LEU B 419 -35.09 -23.52 -0.60
C LEU B 419 -35.44 -22.19 0.07
N PHE B 420 -34.49 -21.63 0.81
CA PHE B 420 -34.72 -20.37 1.50
C PHE B 420 -34.97 -19.23 0.52
N GLU B 421 -34.20 -19.20 -0.56
CA GLU B 421 -34.34 -18.15 -1.57
C GLU B 421 -35.74 -18.14 -2.16
N LYS B 422 -36.26 -19.33 -2.44
CA LYS B 422 -37.62 -19.46 -2.96
C LYS B 422 -38.63 -18.97 -1.93
N LEU B 423 -38.51 -19.44 -0.70
CA LEU B 423 -39.45 -19.12 0.37
C LEU B 423 -39.52 -17.62 0.68
N LEU B 424 -38.38 -16.95 0.55
CA LEU B 424 -38.29 -15.54 0.91
C LEU B 424 -39.22 -14.66 0.07
N TYR B 425 -39.43 -15.08 -1.18
CA TYR B 425 -40.25 -14.29 -2.10
C TYR B 425 -41.68 -14.83 -2.18
N GLN B 426 -41.93 -15.94 -1.48
CA GLN B 426 -43.28 -16.45 -1.38
C GLN B 426 -44.04 -15.61 -0.36
N ILE B 427 -44.50 -14.44 -0.79
CA ILE B 427 -45.17 -13.49 0.08
C ILE B 427 -46.60 -13.24 -0.39
#